data_8TEC
#
_entry.id   8TEC
#
_cell.length_a   73.487
_cell.length_b   102.093
_cell.length_c   76.029
_cell.angle_alpha   90.00
_cell.angle_beta   96.81
_cell.angle_gamma   90.00
#
_symmetry.space_group_name_H-M   'P 1 21 1'
#
loop_
_entity.id
_entity.type
_entity.pdbx_description
1 polymer 'Fermitin family homolog 2'
2 polymer 'Integrin beta-1'
3 water water
#
loop_
_entity_poly.entity_id
_entity_poly.type
_entity_poly.pdbx_seq_one_letter_code
_entity_poly.pdbx_strand_id
1 'polypeptide(L)'
;MGSSHHHHHHSSGLVPRGSGTENLYFQGHMALDGIRMPDGCYADGTWELSVHVTDLNRDVTLRVTGEVHIGGVMLKLVEK
LDVKKDWSDHALWWEKKRTWLLKTHWTLDKCGIQADAKLQFTPQHKLLRLQLPNMKYVKVKVNFSDRVFKAVSDICKTFN
IRHPEELSLLKKPRDPTKKKKKKLDDQSEDEALELEGPLIMPGSGSIYSSPGLYSKTMTPTYDAHDGSPLSPTSAWFGDS
ALSEGNPGILAVSQPVTSPEILAKMFKPQALLDKAKTNQGWLDSSRSLMEQDVKENEALLLRFKYYSFFDLNPKYDAIRI
NQLYEQAKWALLLEEIECTEEEMMMFAALQYHINKLSIMTSENHLTTDVNPECLVSPRYLKKYKSKQITARILEAHQNVA
QMSLIEAKMRFIQAWQSLPEFGITHFIARFQGGKREELIGIAYNRLIRMDASTGDAIKTWRFSNMKQWNVNWEIKMVTVE
FADEVRLSFICTEVDCKVVHEFIGGYIFLSTRAKDQNESLDEEMFYKLTSGWV
;
A,B
2 'polypeptide(L)' KSAVTTVVNP(ALY)YEGK C
#
# COMPACT_ATOMS: atom_id res chain seq x y z
N VAL A 15 8.49 32.15 25.40
CA VAL A 15 7.06 32.29 25.18
C VAL A 15 6.70 31.96 23.73
N PRO A 16 6.03 30.83 23.51
CA PRO A 16 5.60 30.48 22.14
C PRO A 16 4.39 31.30 21.74
N ARG A 17 4.40 31.79 20.49
CA ARG A 17 3.39 32.72 20.01
C ARG A 17 2.66 32.14 18.81
N GLY A 18 1.52 32.75 18.49
CA GLY A 18 0.81 32.50 17.25
C GLY A 18 -0.12 31.31 17.29
N SER A 19 -0.44 30.81 16.09
CA SER A 19 -1.39 29.72 15.95
C SER A 19 -0.91 28.49 16.70
N GLY A 20 -1.86 27.76 17.29
CA GLY A 20 -1.56 26.51 17.96
C GLY A 20 -0.80 26.63 19.26
N THR A 21 -0.77 27.82 19.87
CA THR A 21 -0.20 28.07 21.18
C THR A 21 -1.27 28.64 22.12
N GLU A 22 -0.88 28.92 23.35
CA GLU A 22 -1.77 29.57 24.32
C GLU A 22 -1.82 31.10 24.16
N ASN A 23 -1.06 31.66 23.21
CA ASN A 23 -0.99 33.10 22.97
C ASN A 23 -1.21 33.35 21.48
N LEU A 24 -2.46 33.27 21.04
CA LEU A 24 -2.81 33.51 19.65
C LEU A 24 -2.73 35.01 19.33
N TYR A 25 -2.44 35.31 18.06
CA TYR A 25 -2.30 36.70 17.63
C TYR A 25 -3.64 37.41 17.47
N PHE A 26 -4.71 36.66 17.23
CA PHE A 26 -6.03 37.23 16.97
C PHE A 26 -7.04 36.67 17.95
N GLN A 27 -7.95 37.53 18.41
CA GLN A 27 -9.08 37.09 19.22
C GLN A 27 -10.09 36.40 18.30
N GLY A 28 -10.25 35.08 18.47
CA GLY A 28 -11.18 34.30 17.67
C GLY A 28 -12.57 34.25 18.28
N HIS A 29 -13.46 33.53 17.58
CA HIS A 29 -14.85 33.30 18.02
C HIS A 29 -15.61 34.62 18.18
N MET A 30 -15.32 35.59 17.33
CA MET A 30 -15.98 36.89 17.37
C MET A 30 -17.14 36.92 16.39
N ALA A 31 -18.31 37.30 16.88
CA ALA A 31 -19.49 37.35 16.04
C ALA A 31 -19.34 38.43 14.98
N LEU A 32 -19.82 38.12 13.76
CA LEU A 32 -19.80 39.14 12.71
C LEU A 32 -20.48 40.42 13.16
N ASP A 33 -21.61 40.30 13.87
CA ASP A 33 -22.42 41.44 14.31
C ASP A 33 -22.17 41.81 15.77
N GLY A 34 -20.98 41.50 16.29
CA GLY A 34 -20.63 41.87 17.63
C GLY A 34 -20.42 43.36 17.78
N ILE A 35 -19.92 43.73 18.97
CA ILE A 35 -19.74 45.14 19.32
C ILE A 35 -18.85 45.84 18.30
N ARG A 36 -17.93 45.10 17.68
CA ARG A 36 -17.21 45.55 16.51
C ARG A 36 -16.80 44.32 15.72
N MET A 37 -16.35 44.55 14.49
CA MET A 37 -16.05 43.45 13.57
C MET A 37 -15.00 42.51 14.14
N PRO A 38 -15.01 41.24 13.73
CA PRO A 38 -13.96 40.31 14.18
C PRO A 38 -12.57 40.75 13.69
N ASP A 39 -11.57 40.43 14.50
CA ASP A 39 -10.20 40.83 14.24
C ASP A 39 -9.66 40.17 12.97
N GLY A 40 -9.06 40.98 12.09
CA GLY A 40 -8.38 40.45 10.93
C GLY A 40 -9.28 39.82 9.88
N CYS A 41 -10.56 40.17 9.86
CA CYS A 41 -11.53 39.55 8.96
C CYS A 41 -12.01 40.53 7.90
N TYR A 42 -12.36 40.00 6.73
CA TYR A 42 -12.97 40.73 5.65
C TYR A 42 -14.38 41.18 6.03
N ALA A 43 -15.00 41.97 5.15
CA ALA A 43 -16.35 42.47 5.43
C ALA A 43 -17.40 41.35 5.53
N ASP A 44 -17.11 40.15 5.03
CA ASP A 44 -18.03 39.03 5.14
C ASP A 44 -17.67 38.05 6.27
N GLY A 45 -16.74 38.42 7.17
CA GLY A 45 -16.30 37.58 8.27
C GLY A 45 -15.28 36.50 7.94
N THR A 46 -14.79 36.40 6.70
CA THR A 46 -13.78 35.40 6.36
C THR A 46 -12.36 35.95 6.53
N TRP A 47 -11.39 35.04 6.52
CA TRP A 47 -10.00 35.47 6.57
C TRP A 47 -9.17 34.52 5.73
N GLU A 48 -7.94 34.91 5.46
CA GLU A 48 -7.12 34.21 4.49
C GLU A 48 -6.21 33.22 5.20
N LEU A 49 -6.24 31.99 4.73
CA LEU A 49 -5.33 30.94 5.13
C LEU A 49 -4.46 30.65 3.93
N SER A 50 -3.15 30.76 4.10
CA SER A 50 -2.19 30.56 3.04
C SER A 50 -1.55 29.17 3.19
N VAL A 51 -1.61 28.38 2.12
CA VAL A 51 -1.20 26.98 2.12
C VAL A 51 -0.20 26.77 1.00
N HIS A 52 0.96 26.20 1.34
CA HIS A 52 2.00 25.90 0.36
C HIS A 52 1.81 24.48 -0.17
N VAL A 53 1.57 24.37 -1.47
CA VAL A 53 1.37 23.07 -2.13
C VAL A 53 2.73 22.64 -2.66
N THR A 54 3.38 21.70 -1.95
CA THR A 54 4.77 21.36 -2.24
C THR A 54 4.92 20.81 -3.66
N ASP A 55 3.95 20.00 -4.08
CA ASP A 55 3.91 19.46 -5.44
C ASP A 55 4.17 20.51 -6.51
N LEU A 56 3.61 21.70 -6.35
CA LEU A 56 3.63 22.73 -7.38
C LEU A 56 4.52 23.91 -7.03
N ASN A 57 5.23 23.85 -5.91
CA ASN A 57 6.08 24.95 -5.42
C ASN A 57 5.32 26.27 -5.33
N ARG A 58 3.98 26.21 -5.35
CA ARG A 58 3.13 27.38 -5.33
C ARG A 58 2.50 27.57 -3.96
N ASP A 59 2.23 28.82 -3.62
CA ASP A 59 1.36 29.14 -2.49
C ASP A 59 -0.05 29.42 -3.00
N VAL A 60 -1.04 29.04 -2.20
CA VAL A 60 -2.45 29.23 -2.50
C VAL A 60 -3.13 29.81 -1.28
N THR A 61 -3.97 30.81 -1.49
CA THR A 61 -4.68 31.42 -0.38
C THR A 61 -6.16 31.05 -0.48
N LEU A 62 -6.77 30.79 0.67
CA LEU A 62 -8.17 30.42 0.75
C LEU A 62 -8.87 31.38 1.69
N ARG A 63 -10.14 31.65 1.44
CA ARG A 63 -10.94 32.40 2.41
C ARG A 63 -11.68 31.38 3.27
N VAL A 64 -11.53 31.50 4.58
CA VAL A 64 -12.09 30.53 5.50
C VAL A 64 -12.64 31.28 6.71
N THR A 65 -13.29 30.54 7.59
CA THR A 65 -13.58 30.97 8.94
C THR A 65 -13.12 29.86 9.88
N GLY A 66 -13.27 30.09 11.19
CA GLY A 66 -12.88 29.09 12.17
C GLY A 66 -13.74 27.84 12.18
N GLU A 67 -14.95 27.91 11.61
CA GLU A 67 -15.87 26.76 11.56
C GLU A 67 -15.58 25.80 10.41
N VAL A 68 -14.71 26.17 9.46
CA VAL A 68 -14.37 25.30 8.34
C VAL A 68 -13.59 24.08 8.85
N HIS A 69 -13.88 22.92 8.28
CA HIS A 69 -13.24 21.67 8.64
C HIS A 69 -11.93 21.48 7.90
N ILE A 70 -11.03 20.68 8.49
CA ILE A 70 -9.78 20.37 7.81
C ILE A 70 -10.07 19.81 6.42
N GLY A 71 -11.04 18.90 6.32
CA GLY A 71 -11.41 18.38 5.02
C GLY A 71 -12.01 19.44 4.13
N GLY A 72 -12.70 20.42 4.72
CA GLY A 72 -13.13 21.57 3.95
C GLY A 72 -11.97 22.31 3.31
N VAL A 73 -10.92 22.55 4.08
CA VAL A 73 -9.74 23.23 3.53
C VAL A 73 -9.17 22.42 2.37
N MET A 74 -9.08 21.09 2.55
CA MET A 74 -8.53 20.24 1.49
C MET A 74 -9.38 20.32 0.24
N LEU A 75 -10.71 20.28 0.38
CA LEU A 75 -11.56 20.35 -0.81
C LEU A 75 -11.43 21.71 -1.49
N LYS A 76 -11.36 22.80 -0.71
CA LYS A 76 -11.19 24.13 -1.28
C LYS A 76 -9.89 24.23 -2.07
N LEU A 77 -8.82 23.60 -1.55
CA LEU A 77 -7.56 23.56 -2.28
C LEU A 77 -7.71 22.84 -3.60
N VAL A 78 -8.33 21.65 -3.58
CA VAL A 78 -8.45 20.84 -4.80
C VAL A 78 -9.30 21.56 -5.83
N GLU A 79 -10.36 22.24 -5.39
CA GLU A 79 -11.16 23.06 -6.31
C GLU A 79 -10.30 24.11 -7.01
N LYS A 80 -9.31 24.68 -6.31
CA LYS A 80 -8.49 25.72 -6.94
C LYS A 80 -7.36 25.17 -7.79
N LEU A 81 -6.93 23.93 -7.58
CA LEU A 81 -5.86 23.34 -8.35
C LEU A 81 -6.45 22.47 -9.46
N ASP A 82 -5.60 21.70 -10.13
CA ASP A 82 -6.02 20.84 -11.24
C ASP A 82 -7.20 19.96 -10.83
N VAL A 83 -8.32 20.09 -11.54
CA VAL A 83 -9.48 19.27 -11.20
C VAL A 83 -9.36 17.84 -11.69
N LYS A 84 -8.35 17.54 -12.52
CA LYS A 84 -8.15 16.18 -13.01
C LYS A 84 -7.03 15.42 -12.31
N LYS A 85 -6.09 16.14 -11.68
CA LYS A 85 -4.94 15.52 -11.02
C LYS A 85 -5.35 14.72 -9.80
N ASP A 86 -4.55 13.70 -9.48
CA ASP A 86 -4.80 12.83 -8.33
C ASP A 86 -4.24 13.49 -7.08
N TRP A 87 -5.13 14.03 -6.24
CA TRP A 87 -4.76 14.61 -4.97
C TRP A 87 -5.07 13.70 -3.79
N SER A 88 -5.48 12.45 -4.06
CA SER A 88 -5.93 11.58 -2.98
C SER A 88 -4.81 11.26 -1.98
N ASP A 89 -3.53 11.45 -2.34
CA ASP A 89 -2.46 11.16 -1.38
C ASP A 89 -2.04 12.37 -0.58
N HIS A 90 -2.57 13.56 -0.88
CA HIS A 90 -2.10 14.77 -0.21
C HIS A 90 -2.78 14.97 1.13
N ALA A 91 -2.05 15.56 2.06
CA ALA A 91 -2.59 15.87 3.37
C ALA A 91 -1.96 17.18 3.82
N LEU A 92 -2.58 17.79 4.83
CA LEU A 92 -2.09 19.04 5.37
C LEU A 92 -1.04 18.77 6.43
N TRP A 93 0.11 19.43 6.30
CA TRP A 93 1.24 19.34 7.22
C TRP A 93 1.49 20.70 7.84
N TRP A 94 1.65 20.73 9.15
CA TRP A 94 1.80 21.97 9.90
C TRP A 94 3.21 21.97 10.51
N GLU A 95 4.16 22.59 9.78
CA GLU A 95 5.57 22.59 10.17
C GLU A 95 5.78 23.10 11.59
N LYS A 96 5.19 24.25 11.91
CA LYS A 96 5.43 24.87 13.21
C LYS A 96 5.11 23.93 14.36
N LYS A 97 4.02 23.17 14.26
CA LYS A 97 3.58 22.29 15.31
C LYS A 97 4.03 20.85 15.09
N ARG A 98 4.85 20.61 14.07
CA ARG A 98 5.34 19.29 13.69
C ARG A 98 4.24 18.24 13.69
N THR A 99 3.12 18.55 13.04
CA THR A 99 2.04 17.59 13.05
C THR A 99 1.30 17.60 11.72
N TRP A 100 0.89 16.40 11.30
CA TRP A 100 -0.09 16.22 10.24
C TRP A 100 -1.49 16.52 10.76
N LEU A 101 -2.38 16.88 9.82
CA LEU A 101 -3.79 17.21 10.10
C LEU A 101 -4.69 16.20 9.39
N LEU A 102 -4.71 14.98 9.95
CA LEU A 102 -5.42 13.87 9.32
C LEU A 102 -6.83 13.69 9.85
N LYS A 103 -7.12 14.16 11.06
CA LYS A 103 -8.50 14.18 11.53
C LYS A 103 -9.26 15.26 10.76
N THR A 104 -9.86 14.89 9.63
CA THR A 104 -10.39 15.88 8.70
C THR A 104 -11.67 16.56 9.17
N HIS A 105 -12.33 16.05 10.21
CA HIS A 105 -13.57 16.65 10.70
C HIS A 105 -13.34 17.73 11.76
N TRP A 106 -12.09 17.95 12.16
CA TRP A 106 -11.80 19.01 13.12
C TRP A 106 -11.93 20.38 12.47
N THR A 107 -12.43 21.35 13.24
CA THR A 107 -12.54 22.69 12.70
C THR A 107 -11.22 23.42 12.87
N LEU A 108 -11.08 24.51 12.10
CA LEU A 108 -9.87 25.32 12.25
C LEU A 108 -9.73 25.86 13.67
N ASP A 109 -10.86 26.19 14.31
CA ASP A 109 -10.82 26.65 15.70
C ASP A 109 -10.32 25.56 16.64
N LYS A 110 -10.72 24.31 16.40
CA LYS A 110 -10.29 23.20 17.24
C LYS A 110 -8.79 22.97 17.13
N CYS A 111 -8.24 23.14 15.92
CA CYS A 111 -6.80 22.96 15.69
C CYS A 111 -5.97 24.16 16.09
N GLY A 112 -6.59 25.23 16.60
CA GLY A 112 -5.84 26.43 16.93
C GLY A 112 -5.36 27.23 15.73
N ILE A 113 -5.99 27.06 14.57
CA ILE A 113 -5.46 27.58 13.32
C ILE A 113 -6.11 28.94 13.04
N GLN A 114 -5.29 29.99 13.04
CA GLN A 114 -5.67 31.35 12.68
C GLN A 114 -4.93 31.74 11.40
N ALA A 115 -5.06 33.02 11.02
CA ALA A 115 -4.58 33.46 9.71
C ALA A 115 -3.06 33.45 9.62
N ASP A 116 -2.35 33.45 10.74
CA ASP A 116 -0.90 33.36 10.70
C ASP A 116 -0.37 31.95 10.41
N ALA A 117 -1.20 30.92 10.45
CA ALA A 117 -0.67 29.56 10.30
C ALA A 117 -0.15 29.32 8.89
N LYS A 118 1.01 28.68 8.78
CA LYS A 118 1.59 28.28 7.50
C LYS A 118 1.52 26.76 7.38
N LEU A 119 0.59 26.29 6.57
CA LEU A 119 0.34 24.88 6.31
C LEU A 119 0.93 24.48 4.97
N GLN A 120 1.16 23.18 4.82
CA GLN A 120 1.59 22.61 3.55
C GLN A 120 0.58 21.54 3.13
N PHE A 121 0.33 21.47 1.83
CA PHE A 121 -0.48 20.42 1.23
C PHE A 121 0.50 19.57 0.44
N THR A 122 0.68 18.32 0.85
CA THR A 122 1.84 17.58 0.38
C THR A 122 1.54 16.08 0.34
N PRO A 123 2.10 15.35 -0.63
CA PRO A 123 1.95 13.89 -0.65
C PRO A 123 2.36 13.27 0.68
N GLN A 124 1.53 12.37 1.19
CA GLN A 124 1.94 11.59 2.35
C GLN A 124 3.09 10.64 2.00
N HIS A 125 3.04 10.01 0.83
CA HIS A 125 4.08 9.11 0.38
C HIS A 125 5.13 9.89 -0.39
N LYS A 126 6.39 9.71 0.00
CA LYS A 126 7.53 10.37 -0.62
C LYS A 126 8.63 9.36 -0.89
N LEU A 127 9.61 9.78 -1.69
CA LEU A 127 10.80 8.97 -1.93
C LEU A 127 11.83 9.20 -0.84
N LEU A 128 12.54 8.13 -0.48
CA LEU A 128 13.50 8.14 0.63
C LEU A 128 14.70 7.31 0.24
N ARG A 129 15.89 7.91 0.27
CA ARG A 129 17.11 7.19 0.01
C ARG A 129 17.54 6.43 1.27
N LEU A 130 17.80 5.14 1.12
CA LEU A 130 18.32 4.32 2.20
C LEU A 130 19.70 3.83 1.82
N GLN A 131 20.65 3.97 2.74
CA GLN A 131 21.89 3.22 2.64
C GLN A 131 21.73 1.92 3.43
N LEU A 132 21.87 0.80 2.74
CA LEU A 132 21.76 -0.50 3.35
C LEU A 132 23.04 -0.88 4.12
N PRO A 133 22.98 -1.92 4.97
CA PRO A 133 24.23 -2.33 5.65
C PRO A 133 25.30 -2.79 4.68
N ASN A 134 24.95 -3.27 3.47
CA ASN A 134 25.97 -3.60 2.48
C ASN A 134 26.52 -2.37 1.75
N MET A 135 26.19 -1.17 2.23
CA MET A 135 26.66 0.16 1.77
C MET A 135 26.03 0.63 0.46
N LYS A 136 25.13 -0.13 -0.17
CA LYS A 136 24.48 0.30 -1.40
C LYS A 136 23.29 1.19 -1.10
N TYR A 137 22.97 2.08 -2.04
CA TYR A 137 21.85 3.00 -1.92
C TYR A 137 20.64 2.49 -2.69
N VAL A 138 19.48 2.54 -2.03
CA VAL A 138 18.20 2.22 -2.64
C VAL A 138 17.25 3.38 -2.37
N LYS A 139 16.20 3.48 -3.19
CA LYS A 139 15.11 4.43 -3.00
C LYS A 139 13.82 3.66 -2.77
N VAL A 140 13.06 4.05 -1.76
CA VAL A 140 11.77 3.43 -1.50
C VAL A 140 10.69 4.50 -1.35
N LYS A 141 9.48 4.14 -1.73
CA LYS A 141 8.32 4.99 -1.51
C LYS A 141 7.66 4.59 -0.21
N VAL A 142 7.65 5.49 0.76
CA VAL A 142 7.15 5.18 2.10
C VAL A 142 6.25 6.31 2.56
N ASN A 143 5.27 5.96 3.38
CA ASN A 143 4.36 6.94 3.96
C ASN A 143 5.08 7.74 5.05
N PHE A 144 5.30 9.04 4.80
CA PHE A 144 5.93 9.94 5.76
C PHE A 144 5.01 10.38 6.90
N SER A 145 3.78 9.87 6.98
CA SER A 145 2.89 10.13 8.11
C SER A 145 2.67 8.92 9.00
N ASP A 146 3.14 7.74 8.60
CA ASP A 146 3.16 6.60 9.50
C ASP A 146 4.23 6.73 10.58
N ARG A 147 3.95 6.17 11.75
CA ARG A 147 4.99 5.98 12.76
C ARG A 147 6.16 5.18 12.17
N VAL A 148 7.38 5.56 12.53
CA VAL A 148 8.57 4.96 11.93
C VAL A 148 8.59 3.45 12.16
N PHE A 149 8.04 2.98 13.29
CA PHE A 149 7.93 1.55 13.52
C PHE A 149 7.23 0.85 12.37
N LYS A 150 6.08 1.41 11.93
CA LYS A 150 5.34 0.80 10.83
C LYS A 150 6.06 1.01 9.51
N ALA A 151 6.62 2.19 9.28
CA ALA A 151 7.37 2.40 8.05
C ALA A 151 8.53 1.40 7.94
N VAL A 152 9.23 1.11 9.03
CA VAL A 152 10.34 0.16 8.97
C VAL A 152 9.79 -1.23 8.69
N SER A 153 8.68 -1.59 9.34
CA SER A 153 8.08 -2.89 9.05
C SER A 153 7.68 -2.99 7.59
N ASP A 154 7.18 -1.90 6.98
CA ASP A 154 6.76 -1.98 5.58
C ASP A 154 7.96 -2.05 4.64
N ILE A 155 9.03 -1.32 4.94
CA ILE A 155 10.26 -1.40 4.16
C ILE A 155 10.87 -2.80 4.22
N CYS A 156 10.88 -3.41 5.40
CA CYS A 156 11.44 -4.76 5.51
C CYS A 156 10.61 -5.78 4.74
N LYS A 157 9.29 -5.57 4.64
CA LYS A 157 8.45 -6.49 3.86
C LYS A 157 8.75 -6.38 2.37
N THR A 158 8.88 -5.15 1.87
CA THR A 158 9.36 -4.92 0.51
C THR A 158 10.68 -5.64 0.27
N PHE A 159 11.59 -5.61 1.24
CA PHE A 159 12.92 -6.20 1.10
C PHE A 159 12.95 -7.67 1.45
N ASN A 160 11.81 -8.24 1.87
CA ASN A 160 11.75 -9.64 2.30
C ASN A 160 12.74 -9.92 3.45
N ILE A 161 12.79 -8.99 4.41
CA ILE A 161 13.57 -9.15 5.64
C ILE A 161 12.58 -9.35 6.79
N ARG A 162 12.62 -10.53 7.40
CA ARG A 162 11.72 -10.83 8.51
C ARG A 162 12.17 -10.12 9.79
N HIS A 163 11.27 -10.14 10.77
CA HIS A 163 11.49 -9.56 12.09
C HIS A 163 11.95 -8.10 12.00
N PRO A 164 11.15 -7.23 11.39
CA PRO A 164 11.54 -5.82 11.29
C PRO A 164 11.77 -5.14 12.64
N GLU A 165 11.27 -5.67 13.74
CA GLU A 165 11.49 -4.93 14.98
C GLU A 165 12.98 -4.90 15.41
N GLU A 166 13.84 -5.71 14.80
CA GLU A 166 15.27 -5.66 15.10
C GLU A 166 15.98 -4.55 14.37
N LEU A 167 15.34 -3.94 13.36
CA LEU A 167 15.95 -2.89 12.55
C LEU A 167 15.32 -1.54 12.84
N SER A 168 16.02 -0.48 12.45
CA SER A 168 15.44 0.85 12.42
C SER A 168 16.28 1.75 11.54
N LEU A 169 15.99 3.03 11.61
CA LEU A 169 16.57 4.05 10.74
C LEU A 169 17.44 4.97 11.57
N LEU A 170 18.60 5.30 11.02
CA LEU A 170 19.63 6.05 11.70
C LEU A 170 20.09 7.18 10.79
N LYS A 171 20.15 8.39 11.34
CA LYS A 171 20.63 9.53 10.54
C LYS A 171 22.14 9.45 10.34
N LYS A 172 22.61 9.72 9.12
CA LYS A 172 24.04 9.68 8.88
C LYS A 172 24.74 10.69 9.77
N PRO A 173 25.82 10.32 10.46
CA PRO A 173 26.50 11.25 11.35
C PRO A 173 27.17 12.40 10.59
N ARG A 174 27.20 13.57 11.23
CA ARG A 174 27.82 14.77 10.65
C ARG A 174 29.33 14.60 10.49
N PRO A 229 21.04 5.52 -6.99
CA PRO A 229 20.37 4.50 -6.17
C PRO A 229 19.63 3.43 -7.00
N LEU A 230 18.40 3.09 -6.59
CA LEU A 230 17.58 2.05 -7.22
C LEU A 230 16.25 1.96 -6.48
N SER A 231 15.17 1.55 -7.16
CA SER A 231 13.80 1.73 -6.67
C SER A 231 13.05 0.41 -6.52
N PRO A 232 13.29 -0.34 -5.42
CA PRO A 232 12.40 -1.48 -5.10
C PRO A 232 11.04 -1.02 -4.57
N PRO A 247 15.26 -5.26 -6.43
CA PRO A 247 14.89 -6.62 -6.03
C PRO A 247 16.10 -7.54 -5.81
N GLY A 248 17.28 -7.13 -6.27
CA GLY A 248 18.45 -7.99 -6.23
C GLY A 248 19.69 -7.37 -5.60
N ILE A 249 19.66 -6.06 -5.38
CA ILE A 249 20.78 -5.39 -4.71
C ILE A 249 20.81 -5.73 -3.21
N LEU A 250 19.70 -6.26 -2.69
CA LEU A 250 19.67 -6.73 -1.30
C LEU A 250 20.47 -8.02 -1.10
N ALA A 251 20.80 -8.72 -2.19
CA ALA A 251 21.61 -9.92 -2.14
C ALA A 251 23.06 -9.64 -2.51
N VAL A 252 23.38 -8.38 -2.85
CA VAL A 252 24.75 -7.96 -3.14
C VAL A 252 25.60 -8.08 -1.89
N SER A 253 26.78 -8.69 -2.05
CA SER A 253 27.75 -8.84 -0.97
C SER A 253 29.14 -8.94 -1.60
N GLN A 254 29.77 -7.79 -1.79
CA GLN A 254 31.06 -7.68 -2.45
C GLN A 254 32.07 -6.98 -1.55
N PRO A 255 33.36 -7.12 -1.81
CA PRO A 255 34.37 -6.46 -0.97
C PRO A 255 34.67 -5.04 -1.46
N VAL A 256 35.37 -4.30 -0.60
CA VAL A 256 35.72 -2.93 -0.93
C VAL A 256 36.57 -2.93 -2.22
N THR A 257 36.41 -1.86 -3.01
CA THR A 257 36.95 -1.86 -4.36
C THR A 257 38.47 -1.68 -4.37
N SER A 258 38.97 -0.73 -3.60
CA SER A 258 40.37 -0.34 -3.66
C SER A 258 40.96 -0.37 -2.26
N PRO A 259 42.29 -0.53 -2.15
CA PRO A 259 42.95 -0.23 -0.88
C PRO A 259 42.66 1.17 -0.38
N GLU A 260 42.48 2.11 -1.31
CA GLU A 260 42.29 3.53 -1.00
C GLU A 260 40.83 3.95 -0.97
N ILE A 261 39.92 3.15 -1.54
CA ILE A 261 38.51 3.36 -1.28
C ILE A 261 38.16 2.93 0.14
N LEU A 262 38.81 1.88 0.64
CA LEU A 262 38.58 1.45 2.03
C LEU A 262 39.13 2.47 3.01
N ALA A 263 40.38 2.91 2.79
CA ALA A 263 40.98 3.90 3.69
C ALA A 263 40.25 5.23 3.64
N LYS A 264 39.65 5.57 2.48
CA LYS A 264 38.86 6.80 2.39
C LYS A 264 37.61 6.73 3.26
N MET A 265 37.05 5.53 3.43
CA MET A 265 35.88 5.34 4.27
C MET A 265 36.21 5.23 5.74
N PHE A 266 37.47 4.92 6.07
CA PHE A 266 37.86 4.74 7.46
C PHE A 266 37.97 6.10 8.13
N LYS A 267 37.07 6.37 9.07
CA LYS A 267 37.13 7.60 9.87
C LYS A 267 37.78 7.27 11.21
N PRO A 268 39.08 7.55 11.40
CA PRO A 268 39.71 7.29 12.71
C PRO A 268 38.99 8.02 13.83
N GLN A 269 38.09 7.33 14.51
CA GLN A 269 37.17 7.93 15.46
C GLN A 269 37.41 7.43 16.87
N ALA A 270 37.44 8.36 17.82
CA ALA A 270 37.44 8.02 19.23
C ALA A 270 36.09 7.44 19.64
N LEU A 271 36.05 6.90 20.86
CA LEU A 271 34.82 6.25 21.32
C LEU A 271 33.68 7.25 21.53
N LEU A 272 33.98 8.42 22.12
CA LEU A 272 32.97 9.45 22.31
C LEU A 272 32.30 9.83 21.00
N ASP A 273 33.07 9.88 19.92
CA ASP A 273 32.48 10.28 18.64
C ASP A 273 31.63 9.16 18.04
N LYS A 274 32.01 7.90 18.23
CA LYS A 274 31.09 6.83 17.90
C LYS A 274 29.80 6.96 18.70
N ALA A 275 29.91 7.21 20.00
CA ALA A 275 28.73 7.33 20.84
C ALA A 275 27.79 8.44 20.37
N LYS A 276 28.33 9.55 19.84
CA LYS A 276 27.47 10.64 19.41
C LYS A 276 26.61 10.25 18.20
N THR A 277 27.12 9.34 17.34
CA THR A 277 26.33 8.80 16.25
C THR A 277 24.97 8.31 16.71
N ASN A 278 24.90 7.67 17.89
CA ASN A 278 23.65 7.11 18.38
C ASN A 278 22.61 8.16 18.74
N GLN A 279 22.89 9.45 18.60
CA GLN A 279 21.81 10.43 18.72
C GLN A 279 20.88 10.43 17.51
N GLY A 280 21.29 9.80 16.40
CA GLY A 280 20.50 9.83 15.17
C GLY A 280 19.51 8.72 14.96
N TRP A 281 19.26 7.86 15.95
CA TRP A 281 18.26 6.81 15.78
C TRP A 281 16.87 7.43 15.80
N LEU A 282 16.04 7.16 14.79
CA LEU A 282 14.76 7.84 14.71
C LEU A 282 13.81 7.36 15.81
N ASP A 283 12.93 8.26 16.20
CA ASP A 283 11.89 7.92 17.16
C ASP A 283 10.87 7.00 16.49
N SER A 284 10.76 5.77 16.98
CA SER A 284 9.87 4.81 16.35
C SER A 284 8.40 5.16 16.50
N SER A 285 8.04 6.02 17.46
CA SER A 285 6.64 6.36 17.69
CA SER A 285 6.65 6.38 17.71
C SER A 285 6.22 7.63 16.96
N ARG A 286 7.12 8.31 16.27
CA ARG A 286 6.80 9.50 15.49
C ARG A 286 7.01 9.19 14.00
N SER A 287 6.58 10.12 13.16
CA SER A 287 6.63 9.90 11.72
C SER A 287 7.91 10.50 11.17
N LEU A 288 8.27 10.07 9.95
CA LEU A 288 9.46 10.63 9.32
C LEU A 288 9.34 12.14 9.20
N MET A 289 8.14 12.61 8.82
CA MET A 289 7.93 14.04 8.60
C MET A 289 8.26 14.86 9.84
N GLU A 290 7.88 14.36 11.02
CA GLU A 290 8.13 15.07 12.28
C GLU A 290 9.60 15.07 12.71
N GLN A 291 10.53 14.51 11.93
CA GLN A 291 11.90 14.30 12.39
C GLN A 291 12.92 14.75 11.36
N ASP A 292 12.61 15.82 10.62
CA ASP A 292 13.62 16.58 9.87
C ASP A 292 14.29 15.76 8.77
N VAL A 293 13.51 14.95 8.06
CA VAL A 293 14.03 14.13 6.97
C VAL A 293 13.67 14.84 5.67
N LYS A 294 14.70 15.37 5.00
CA LYS A 294 14.55 15.85 3.63
C LYS A 294 14.02 14.73 2.74
N GLU A 295 13.48 15.12 1.58
CA GLU A 295 12.95 14.12 0.66
C GLU A 295 14.07 13.23 0.12
N ASN A 296 15.16 13.82 -0.38
CA ASN A 296 16.30 13.06 -0.89
C ASN A 296 17.48 13.10 0.07
N GLU A 297 17.18 12.97 1.36
CA GLU A 297 18.19 12.69 2.38
C GLU A 297 18.29 11.18 2.55
N ALA A 298 19.52 10.67 2.64
CA ALA A 298 19.72 9.25 2.86
C ALA A 298 19.75 8.96 4.36
N LEU A 299 18.92 8.01 4.78
CA LEU A 299 18.98 7.43 6.12
C LEU A 299 19.66 6.06 6.06
N LEU A 300 20.19 5.62 7.21
CA LEU A 300 20.82 4.32 7.30
C LEU A 300 19.77 3.34 7.77
N LEU A 301 19.56 2.26 7.01
CA LEU A 301 18.81 1.12 7.50
C LEU A 301 19.82 0.16 8.13
N ARG A 302 19.64 -0.14 9.41
CA ARG A 302 20.64 -0.89 10.15
CA ARG A 302 20.66 -0.84 10.21
C ARG A 302 19.94 -1.77 11.17
N PHE A 303 20.59 -2.91 11.49
CA PHE A 303 20.14 -3.70 12.64
C PHE A 303 20.44 -2.90 13.89
N LYS A 304 19.41 -2.64 14.70
CA LYS A 304 19.52 -1.75 15.85
C LYS A 304 19.67 -2.51 17.15
N TYR A 305 18.92 -3.60 17.28
CA TYR A 305 18.91 -4.43 18.47
C TYR A 305 19.63 -5.72 18.13
N TYR A 306 20.65 -6.04 18.92
CA TYR A 306 21.53 -7.17 18.65
C TYR A 306 20.99 -8.48 19.25
N SER A 307 19.72 -8.78 19.00
CA SER A 307 19.12 -10.03 19.47
C SER A 307 18.25 -10.55 18.32
N PHE A 308 18.74 -11.56 17.62
CA PHE A 308 18.20 -11.96 16.31
C PHE A 308 17.34 -13.20 16.48
N PHE A 309 16.03 -13.04 16.33
CA PHE A 309 15.11 -14.14 16.62
C PHE A 309 14.96 -15.06 15.43
N ASP A 310 15.21 -16.35 15.64
CA ASP A 310 14.97 -17.39 14.64
C ASP A 310 15.67 -17.05 13.32
N LEU A 311 16.98 -16.84 13.41
CA LEU A 311 17.75 -16.47 12.22
C LEU A 311 18.01 -17.74 11.44
N ASN A 312 17.24 -17.98 10.40
CA ASN A 312 17.08 -19.33 9.86
C ASN A 312 17.60 -19.42 8.43
N PRO A 313 18.68 -20.16 8.20
CA PRO A 313 19.29 -20.17 6.85
C PRO A 313 18.36 -20.64 5.77
N LYS A 314 17.31 -21.40 6.11
CA LYS A 314 16.43 -21.97 5.12
C LYS A 314 15.54 -20.93 4.45
N TYR A 315 15.30 -19.78 5.10
CA TYR A 315 14.49 -18.77 4.44
C TYR A 315 14.82 -17.32 4.80
N ASP A 316 15.96 -17.02 5.47
CA ASP A 316 16.34 -15.64 5.78
C ASP A 316 17.55 -15.17 4.97
N ALA A 317 17.68 -15.64 3.72
CA ALA A 317 18.85 -15.33 2.90
C ALA A 317 19.15 -13.82 2.85
N ILE A 318 18.12 -13.00 2.62
CA ILE A 318 18.35 -11.56 2.55
C ILE A 318 18.69 -11.01 3.92
N ARG A 319 17.94 -11.42 4.95
CA ARG A 319 18.20 -10.93 6.30
C ARG A 319 19.61 -11.27 6.73
N ILE A 320 20.04 -12.51 6.47
CA ILE A 320 21.37 -12.95 6.84
C ILE A 320 22.41 -12.16 6.06
N ASN A 321 22.20 -11.97 4.76
CA ASN A 321 23.19 -11.24 3.97
C ASN A 321 23.40 -9.83 4.52
N GLN A 322 22.31 -9.15 4.90
CA GLN A 322 22.46 -7.78 5.35
C GLN A 322 23.09 -7.73 6.74
N LEU A 323 22.78 -8.70 7.62
CA LEU A 323 23.41 -8.69 8.94
C LEU A 323 24.91 -8.99 8.83
N TYR A 324 25.24 -9.99 8.02
CA TYR A 324 26.64 -10.29 7.73
C TYR A 324 27.36 -9.03 7.22
N GLU A 325 26.75 -8.34 6.26
CA GLU A 325 27.39 -7.14 5.74
C GLU A 325 27.56 -6.09 6.84
N GLN A 326 26.57 -5.94 7.72
CA GLN A 326 26.76 -4.99 8.83
C GLN A 326 27.95 -5.40 9.70
N ALA A 327 28.07 -6.71 9.97
CA ALA A 327 29.18 -7.20 10.77
C ALA A 327 30.50 -6.99 10.04
N LYS A 328 30.52 -7.26 8.74
CA LYS A 328 31.74 -7.18 7.97
C LYS A 328 32.31 -5.77 7.98
N TRP A 329 31.44 -4.76 7.78
CA TRP A 329 31.90 -3.37 7.74
C TRP A 329 32.26 -2.88 9.14
N ALA A 330 31.51 -3.31 10.16
CA ALA A 330 31.81 -2.86 11.51
C ALA A 330 33.22 -3.29 11.95
N LEU A 331 33.65 -4.48 11.50
CA LEU A 331 35.00 -4.94 11.80
C LEU A 331 36.05 -4.24 10.93
N LEU A 332 35.79 -4.10 9.63
CA LEU A 332 36.75 -3.42 8.78
C LEU A 332 36.92 -1.96 9.20
N LEU A 333 35.88 -1.35 9.75
CA LEU A 333 35.89 0.07 10.10
C LEU A 333 36.10 0.27 11.59
N GLU A 334 36.33 -0.80 12.36
CA GLU A 334 36.72 -0.70 13.77
C GLU A 334 35.63 -0.08 14.64
N GLU A 335 34.37 -0.15 14.21
CA GLU A 335 33.28 0.10 15.14
C GLU A 335 33.26 -0.91 16.28
N ILE A 336 33.82 -2.10 16.06
CA ILE A 336 34.04 -3.05 17.14
C ILE A 336 35.43 -3.60 16.94
N GLU A 337 36.15 -3.79 18.04
CA GLU A 337 37.55 -4.19 17.99
C GLU A 337 37.65 -5.71 18.04
N CYS A 338 38.78 -6.23 17.54
CA CYS A 338 39.09 -7.64 17.77
C CYS A 338 40.60 -7.82 17.73
N THR A 339 41.08 -8.97 18.22
CA THR A 339 42.51 -9.22 18.18
C THR A 339 42.98 -9.39 16.75
N GLU A 340 44.30 -9.35 16.58
CA GLU A 340 44.91 -9.61 15.27
C GLU A 340 44.56 -10.99 14.73
N GLU A 341 44.55 -12.01 15.60
CA GLU A 341 44.26 -13.35 15.09
C GLU A 341 42.80 -13.46 14.66
N GLU A 342 41.87 -12.86 15.43
CA GLU A 342 40.49 -12.79 14.99
C GLU A 342 40.36 -12.05 13.66
N MET A 343 41.13 -10.97 13.45
CA MET A 343 40.96 -10.21 12.21
C MET A 343 41.33 -11.07 11.02
N MET A 344 42.40 -11.87 11.17
CA MET A 344 42.87 -12.73 10.09
C MET A 344 41.87 -13.84 9.79
N MET A 345 41.23 -14.35 10.84
CA MET A 345 40.12 -15.30 10.66
C MET A 345 38.93 -14.64 9.96
N PHE A 346 38.47 -13.46 10.43
CA PHE A 346 37.37 -12.83 9.71
C PHE A 346 37.74 -12.56 8.27
N ALA A 347 39.00 -12.24 8.02
CA ALA A 347 39.41 -11.95 6.65
C ALA A 347 39.39 -13.22 5.80
N ALA A 348 39.84 -14.33 6.36
CA ALA A 348 39.80 -15.58 5.59
C ALA A 348 38.36 -15.98 5.34
N LEU A 349 37.52 -15.85 6.37
CA LEU A 349 36.11 -16.17 6.20
C LEU A 349 35.46 -15.26 5.14
N GLN A 350 35.82 -13.97 5.11
CA GLN A 350 35.29 -13.11 4.05
C GLN A 350 35.82 -13.53 2.69
N TYR A 351 37.10 -13.91 2.64
CA TYR A 351 37.68 -14.36 1.38
C TYR A 351 36.99 -15.63 0.89
N HIS A 352 36.71 -16.54 1.82
CA HIS A 352 35.99 -17.75 1.51
C HIS A 352 34.57 -17.43 1.01
N ILE A 353 33.84 -16.58 1.73
CA ILE A 353 32.50 -16.22 1.29
C ILE A 353 32.54 -15.65 -0.12
N ASN A 354 33.55 -14.85 -0.43
CA ASN A 354 33.62 -14.30 -1.78
C ASN A 354 33.94 -15.38 -2.81
N LYS A 355 34.73 -16.40 -2.45
CA LYS A 355 34.92 -17.52 -3.38
C LYS A 355 33.62 -18.31 -3.58
N LEU A 356 32.89 -18.61 -2.50
CA LEU A 356 31.61 -19.32 -2.65
C LEU A 356 30.63 -18.53 -3.50
N SER A 357 30.70 -17.21 -3.44
CA SER A 357 29.78 -16.40 -4.23
C SER A 357 30.12 -16.46 -5.71
N ILE A 358 31.40 -16.46 -6.05
CA ILE A 358 31.80 -16.70 -7.44
C ILE A 358 31.30 -18.05 -7.90
N MET A 359 31.35 -19.05 -7.02
CA MET A 359 30.89 -20.39 -7.36
C MET A 359 29.41 -20.44 -7.72
N THR A 360 28.58 -19.60 -7.09
CA THR A 360 27.16 -19.65 -7.43
C THR A 360 26.86 -19.08 -8.80
N SER A 361 27.82 -18.38 -9.42
CA SER A 361 27.56 -17.76 -10.72
C SER A 361 28.65 -18.05 -11.75
N GLU A 362 29.52 -19.02 -11.51
CA GLU A 362 30.57 -19.36 -12.47
C GLU A 362 29.94 -20.10 -13.66
N ASN A 363 30.12 -19.54 -14.87
CA ASN A 363 29.49 -20.06 -16.06
C ASN A 363 30.40 -21.04 -16.80
N HIS A 364 29.86 -21.62 -17.87
CA HIS A 364 30.57 -22.61 -18.69
C HIS A 364 31.08 -23.77 -17.85
N LEU A 365 30.39 -24.05 -16.74
CA LEU A 365 30.73 -25.19 -15.90
C LEU A 365 30.57 -26.47 -16.70
N THR A 366 31.60 -26.83 -17.46
CA THR A 366 31.47 -27.89 -18.44
C THR A 366 32.32 -29.10 -18.09
N THR A 367 33.62 -29.03 -18.40
CA THR A 367 34.51 -30.17 -18.21
C THR A 367 34.47 -30.69 -16.78
N ASP A 368 34.10 -29.84 -15.83
CA ASP A 368 34.03 -30.26 -14.42
C ASP A 368 33.02 -31.39 -14.24
N VAL A 369 31.79 -31.19 -14.72
CA VAL A 369 30.71 -32.13 -14.43
C VAL A 369 30.92 -33.39 -15.27
N ASN A 370 31.24 -34.50 -14.61
CA ASN A 370 31.31 -35.80 -15.27
C ASN A 370 30.21 -36.70 -14.70
N PRO A 371 29.04 -36.76 -15.35
CA PRO A 371 27.90 -37.50 -14.76
C PRO A 371 28.18 -38.95 -14.44
N GLU A 372 29.10 -39.60 -15.15
CA GLU A 372 29.42 -40.99 -14.88
C GLU A 372 29.92 -41.21 -13.45
N CYS A 373 30.37 -40.16 -12.76
CA CYS A 373 30.90 -40.28 -11.41
C CYS A 373 29.92 -39.82 -10.35
N LEU A 374 28.81 -39.18 -10.74
CA LEU A 374 27.92 -38.50 -9.82
C LEU A 374 26.56 -39.16 -9.63
N VAL A 375 26.11 -39.98 -10.60
CA VAL A 375 24.79 -40.60 -10.53
C VAL A 375 24.93 -42.11 -10.77
N SER A 376 23.94 -42.84 -10.28
CA SER A 376 23.94 -44.29 -10.46
C SER A 376 23.77 -44.66 -11.93
N PRO A 377 24.23 -45.84 -12.33
CA PRO A 377 24.33 -46.15 -13.77
C PRO A 377 22.99 -46.20 -14.48
N ARG A 378 21.87 -46.38 -13.76
CA ARG A 378 20.59 -46.41 -14.43
C ARG A 378 20.23 -45.06 -15.02
N TYR A 379 20.65 -43.96 -14.38
CA TYR A 379 20.38 -42.64 -14.94
C TYR A 379 21.20 -42.40 -16.19
N LEU A 380 22.43 -42.92 -16.23
CA LEU A 380 23.26 -42.81 -17.42
C LEU A 380 22.54 -43.38 -18.63
N LYS A 381 21.99 -44.60 -18.52
CA LYS A 381 21.34 -45.23 -19.66
C LYS A 381 19.99 -44.60 -20.00
N LYS A 382 19.32 -43.99 -19.03
CA LYS A 382 18.01 -43.42 -19.30
C LYS A 382 18.05 -41.99 -19.85
N TYR A 383 19.18 -41.29 -19.73
CA TYR A 383 19.28 -39.93 -20.23
C TYR A 383 20.63 -39.71 -20.91
N LYS A 384 20.65 -38.75 -21.82
CA LYS A 384 21.90 -38.30 -22.41
C LYS A 384 22.70 -37.50 -21.40
N SER A 385 24.03 -37.63 -21.47
CA SER A 385 24.92 -37.02 -20.47
C SER A 385 24.64 -35.53 -20.33
N LYS A 386 24.50 -34.83 -21.47
CA LYS A 386 24.26 -33.40 -21.45
C LYS A 386 22.89 -33.03 -20.87
N GLN A 387 21.98 -34.00 -20.73
CA GLN A 387 20.73 -33.75 -20.00
C GLN A 387 20.88 -33.95 -18.50
N ILE A 388 21.68 -34.94 -18.09
CA ILE A 388 22.02 -35.09 -16.67
C ILE A 388 22.85 -33.90 -16.19
N THR A 389 23.96 -33.62 -16.88
CA THR A 389 24.78 -32.46 -16.54
C THR A 389 23.93 -31.21 -16.33
N ALA A 390 22.88 -31.03 -17.13
CA ALA A 390 22.04 -29.85 -16.98
C ALA A 390 21.24 -29.92 -15.67
N ARG A 391 20.66 -31.09 -15.38
CA ARG A 391 19.89 -31.22 -14.15
C ARG A 391 20.79 -31.05 -12.92
N ILE A 392 22.01 -31.61 -12.98
CA ILE A 392 22.95 -31.47 -11.87
C ILE A 392 23.33 -30.01 -11.65
N LEU A 393 23.67 -29.29 -12.72
CA LEU A 393 24.02 -27.87 -12.59
C LEU A 393 22.85 -27.02 -12.06
N GLU A 394 21.62 -27.40 -12.36
CA GLU A 394 20.48 -26.65 -11.82
C GLU A 394 20.32 -26.88 -10.32
N ALA A 395 20.42 -28.13 -9.88
CA ALA A 395 20.42 -28.44 -8.45
C ALA A 395 21.61 -27.82 -7.73
N HIS A 396 22.76 -27.72 -8.40
CA HIS A 396 23.94 -27.20 -7.75
C HIS A 396 23.77 -25.73 -7.39
N GLN A 397 22.95 -24.99 -8.14
CA GLN A 397 22.75 -23.58 -7.81
C GLN A 397 22.22 -23.43 -6.39
N ASN A 398 21.21 -24.23 -6.03
CA ASN A 398 20.68 -24.14 -4.67
C ASN A 398 21.68 -24.66 -3.64
N VAL A 399 22.44 -25.70 -3.99
CA VAL A 399 23.40 -26.23 -3.04
C VAL A 399 24.45 -25.19 -2.70
N ALA A 400 24.93 -24.46 -3.72
CA ALA A 400 25.96 -23.47 -3.52
C ALA A 400 25.44 -22.28 -2.71
N GLN A 401 24.21 -21.85 -2.98
CA GLN A 401 23.64 -20.76 -2.19
C GLN A 401 23.58 -21.14 -0.71
N MET A 402 23.28 -22.42 -0.42
CA MET A 402 23.23 -22.86 0.98
C MET A 402 24.60 -22.79 1.63
N SER A 403 25.64 -23.28 0.96
CA SER A 403 26.99 -23.10 1.51
C SER A 403 27.28 -21.62 1.75
N LEU A 404 26.93 -20.76 0.79
CA LEU A 404 27.17 -19.33 0.93
C LEU A 404 26.48 -18.79 2.18
N ILE A 405 25.23 -19.19 2.41
CA ILE A 405 24.52 -18.67 3.56
C ILE A 405 25.11 -19.22 4.84
N GLU A 406 25.52 -20.51 4.83
CA GLU A 406 26.11 -21.10 6.04
C GLU A 406 27.42 -20.40 6.41
N ALA A 407 28.23 -20.03 5.41
CA ALA A 407 29.48 -19.35 5.71
C ALA A 407 29.22 -17.96 6.32
N LYS A 408 28.24 -17.23 5.78
CA LYS A 408 27.86 -15.95 6.37
C LYS A 408 27.35 -16.12 7.80
N MET A 409 26.52 -17.15 8.04
CA MET A 409 26.09 -17.47 9.40
C MET A 409 27.28 -17.68 10.33
N ARG A 410 28.30 -18.38 9.86
CA ARG A 410 29.46 -18.59 10.71
C ARG A 410 30.21 -17.28 10.99
N PHE A 411 30.29 -16.40 10.00
CA PHE A 411 30.90 -15.09 10.22
C PHE A 411 30.12 -14.33 11.29
N ILE A 412 28.79 -14.32 11.19
CA ILE A 412 27.93 -13.63 12.15
C ILE A 412 28.11 -14.23 13.54
N GLN A 413 28.18 -15.56 13.63
CA GLN A 413 28.33 -16.19 14.93
C GLN A 413 29.66 -15.82 15.60
N ALA A 414 30.75 -15.75 14.82
CA ALA A 414 32.03 -15.33 15.40
C ALA A 414 31.96 -13.88 15.86
N TRP A 415 31.31 -13.04 15.06
CA TRP A 415 31.13 -11.65 15.46
C TRP A 415 30.33 -11.54 16.75
N GLN A 416 29.28 -12.35 16.87
CA GLN A 416 28.47 -12.36 18.09
C GLN A 416 29.27 -12.83 19.30
N SER A 417 30.38 -13.51 19.10
CA SER A 417 31.12 -14.00 20.26
C SER A 417 32.18 -13.01 20.74
N LEU A 418 32.42 -11.90 20.01
CA LEU A 418 33.38 -10.90 20.47
C LEU A 418 32.95 -10.30 21.81
N PRO A 419 33.88 -9.99 22.71
CA PRO A 419 33.49 -9.66 24.09
C PRO A 419 32.74 -8.34 24.23
N GLU A 420 32.86 -7.41 23.29
CA GLU A 420 32.05 -6.19 23.34
C GLU A 420 30.86 -6.21 22.39
N PHE A 421 30.52 -7.38 21.82
CA PHE A 421 29.43 -7.43 20.86
C PHE A 421 28.13 -6.95 21.49
N GLY A 422 27.33 -6.23 20.69
CA GLY A 422 25.95 -6.05 21.09
C GLY A 422 25.71 -4.87 22.00
N ILE A 423 26.69 -4.00 22.18
CA ILE A 423 26.59 -2.89 23.10
C ILE A 423 26.45 -1.61 22.29
N THR A 424 25.47 -0.79 22.62
CA THR A 424 25.28 0.52 21.99
C THR A 424 25.55 1.59 23.03
N HIS A 425 26.45 2.54 22.71
CA HIS A 425 26.99 3.47 23.72
C HIS A 425 26.33 4.83 23.66
N PHE A 426 26.04 5.40 24.82
CA PHE A 426 25.46 6.73 24.94
C PHE A 426 26.23 7.52 25.98
N ILE A 427 26.34 8.82 25.76
CA ILE A 427 27.03 9.71 26.70
C ILE A 427 26.14 9.98 27.89
N ALA A 428 26.71 9.92 29.09
CA ALA A 428 25.92 9.99 30.30
C ALA A 428 26.79 10.48 31.44
N ARG A 429 26.19 11.29 32.31
CA ARG A 429 26.83 11.69 33.55
C ARG A 429 26.18 10.88 34.66
N PHE A 430 26.98 10.01 35.29
CA PHE A 430 26.47 9.20 36.38
C PHE A 430 26.50 9.97 37.69
N GLN A 431 25.47 9.76 38.51
CA GLN A 431 25.43 10.44 39.80
C GLN A 431 26.71 10.18 40.58
N GLY A 432 27.25 11.23 41.16
CA GLY A 432 28.50 11.14 41.90
C GLY A 432 29.74 10.97 41.05
N GLY A 433 29.63 11.05 39.72
CA GLY A 433 30.78 10.88 38.86
C GLY A 433 31.52 12.19 38.59
N LYS A 434 32.76 12.06 38.11
CA LYS A 434 33.61 13.22 37.91
C LYS A 434 33.50 13.80 36.50
N ARG A 435 33.39 12.94 35.48
CA ARG A 435 33.37 13.38 34.09
C ARG A 435 32.23 12.68 33.35
N GLU A 436 32.08 13.04 32.08
CA GLU A 436 31.14 12.32 31.21
C GLU A 436 31.66 10.90 30.98
N GLU A 437 30.78 9.92 31.16
CA GLU A 437 31.12 8.53 30.86
C GLU A 437 30.16 8.01 29.79
N LEU A 438 30.00 6.70 29.73
CA LEU A 438 29.08 6.09 28.79
C LEU A 438 28.15 5.16 29.56
N ILE A 439 26.89 5.13 29.12
CA ILE A 439 26.00 4.04 29.44
C ILE A 439 25.96 3.15 28.21
N GLY A 440 26.37 1.89 28.38
CA GLY A 440 26.23 0.88 27.34
C GLY A 440 24.95 0.10 27.57
N ILE A 441 24.19 -0.11 26.49
CA ILE A 441 22.94 -0.84 26.53
C ILE A 441 23.10 -2.08 25.65
N ALA A 442 22.86 -3.25 26.22
CA ALA A 442 22.91 -4.53 25.52
C ALA A 442 21.57 -5.24 25.69
N TYR A 443 21.40 -6.37 24.99
CA TYR A 443 20.11 -7.05 25.04
C TYR A 443 19.73 -7.51 26.44
N ASN A 444 20.70 -7.70 27.35
CA ASN A 444 20.37 -8.25 28.67
C ASN A 444 20.90 -7.40 29.81
N ARG A 445 21.51 -6.25 29.54
CA ARG A 445 22.17 -5.54 30.63
C ARG A 445 22.44 -4.08 30.25
N LEU A 446 22.68 -3.28 31.30
CA LEU A 446 23.20 -1.93 31.22
C LEU A 446 24.60 -1.92 31.80
N ILE A 447 25.48 -1.12 31.19
CA ILE A 447 26.89 -1.09 31.56
C ILE A 447 27.33 0.36 31.69
N ARG A 448 27.91 0.71 32.83
CA ARG A 448 28.64 1.96 32.98
C ARG A 448 30.07 1.74 32.49
N MET A 449 30.51 2.55 31.51
CA MET A 449 31.81 2.37 30.86
C MET A 449 32.59 3.68 30.81
N ASP A 450 33.92 3.55 30.68
CA ASP A 450 34.81 4.69 30.59
C ASP A 450 34.70 5.28 29.18
N ALA A 451 34.56 6.61 29.10
CA ALA A 451 34.29 7.22 27.79
C ALA A 451 35.51 7.26 26.88
N SER A 452 36.71 7.04 27.42
CA SER A 452 37.92 7.04 26.60
C SER A 452 38.30 5.66 26.10
N THR A 453 38.27 4.66 26.99
CA THR A 453 38.72 3.32 26.66
C THR A 453 37.58 2.33 26.44
N GLY A 454 36.37 2.67 26.86
CA GLY A 454 35.29 1.70 26.80
C GLY A 454 35.34 0.62 27.86
N ASP A 455 36.32 0.66 28.78
CA ASP A 455 36.37 -0.33 29.84
C ASP A 455 35.08 -0.32 30.67
N ALA A 456 34.50 -1.49 30.87
CA ALA A 456 33.31 -1.60 31.70
C ALA A 456 33.64 -1.34 33.16
N ILE A 457 32.79 -0.57 33.83
CA ILE A 457 32.96 -0.22 35.23
C ILE A 457 31.99 -1.00 36.11
N LYS A 458 30.72 -1.03 35.71
CA LYS A 458 29.65 -1.64 36.50
C LYS A 458 28.59 -2.10 35.51
N THR A 459 28.04 -3.30 35.77
CA THR A 459 27.02 -3.92 34.94
C THR A 459 25.79 -4.18 35.80
N TRP A 460 24.61 -3.87 35.26
CA TRP A 460 23.32 -4.22 35.84
C TRP A 460 22.56 -5.09 34.85
N ARG A 461 22.03 -6.23 35.31
CA ARG A 461 21.21 -7.12 34.49
C ARG A 461 19.74 -6.69 34.43
N PHE A 462 19.16 -6.70 33.21
CA PHE A 462 17.73 -6.46 33.06
C PHE A 462 16.89 -7.43 33.88
N SER A 463 17.33 -8.67 34.03
CA SER A 463 16.57 -9.63 34.83
C SER A 463 16.41 -9.21 36.28
N ASN A 464 17.23 -8.28 36.77
CA ASN A 464 17.06 -7.72 38.12
C ASN A 464 16.36 -6.38 38.12
N MET A 465 16.04 -5.83 36.94
CA MET A 465 15.41 -4.52 36.84
C MET A 465 13.91 -4.62 37.04
N LYS A 466 13.38 -3.82 37.95
CA LYS A 466 11.96 -3.80 38.28
C LYS A 466 11.19 -2.76 37.47
N GLN A 467 11.75 -1.56 37.29
CA GLN A 467 11.12 -0.52 36.49
C GLN A 467 12.16 0.55 36.17
N TRP A 468 11.81 1.45 35.26
CA TRP A 468 12.67 2.57 34.95
C TRP A 468 11.82 3.77 34.56
N ASN A 469 12.39 4.96 34.72
CA ASN A 469 11.67 6.18 34.41
C ASN A 469 12.62 7.25 33.93
N VAL A 470 12.07 8.23 33.21
CA VAL A 470 12.81 9.39 32.75
C VAL A 470 12.14 10.62 33.34
N ASN A 471 12.93 11.43 34.03
CA ASN A 471 12.47 12.76 34.46
C ASN A 471 12.83 13.70 33.33
N TRP A 472 11.83 14.04 32.52
CA TRP A 472 12.07 14.87 31.35
C TRP A 472 12.37 16.33 31.69
N GLU A 473 12.16 16.76 32.94
CA GLU A 473 12.59 18.09 33.35
C GLU A 473 14.11 18.16 33.38
N ILE A 474 14.74 17.34 34.24
CA ILE A 474 16.18 17.39 34.43
C ILE A 474 16.93 16.41 33.53
N LYS A 475 16.22 15.72 32.61
CA LYS A 475 16.83 14.77 31.67
C LYS A 475 17.57 13.66 32.41
N MET A 476 16.89 13.02 33.35
CA MET A 476 17.50 12.03 34.22
C MET A 476 16.78 10.70 34.04
N VAL A 477 17.55 9.66 33.73
CA VAL A 477 17.04 8.29 33.71
C VAL A 477 17.34 7.68 35.07
N THR A 478 16.34 7.03 35.66
CA THR A 478 16.53 6.31 36.90
C THR A 478 16.02 4.89 36.71
N VAL A 479 16.85 3.91 37.06
CA VAL A 479 16.51 2.49 36.95
C VAL A 479 16.46 1.91 38.35
N GLU A 480 15.41 1.17 38.65
CA GLU A 480 15.27 0.52 39.95
C GLU A 480 15.43 -0.98 39.81
N PHE A 481 16.01 -1.58 40.83
CA PHE A 481 16.41 -2.99 40.82
C PHE A 481 15.86 -3.67 42.05
N ALA A 482 15.97 -4.99 42.08
CA ALA A 482 15.53 -5.76 43.23
C ALA A 482 16.66 -6.03 44.22
N ASP A 483 17.91 -5.97 43.76
CA ASP A 483 19.04 -6.46 44.55
C ASP A 483 20.11 -5.39 44.77
N GLU A 484 19.78 -4.11 44.56
CA GLU A 484 20.69 -3.00 44.86
C GLU A 484 19.95 -1.69 44.65
N VAL A 485 20.65 -0.60 44.94
CA VAL A 485 20.06 0.74 44.94
C VAL A 485 19.88 1.23 43.51
N ARG A 486 18.98 2.20 43.35
CA ARG A 486 18.65 2.73 42.03
C ARG A 486 19.89 3.25 41.30
N LEU A 487 19.83 3.22 39.98
CA LEU A 487 20.84 3.80 39.12
C LEU A 487 20.28 5.07 38.49
N SER A 488 21.04 6.16 38.54
CA SER A 488 20.61 7.43 37.98
C SER A 488 21.70 8.01 37.09
N PHE A 489 21.32 8.53 35.93
CA PHE A 489 22.29 9.20 35.08
C PHE A 489 21.60 10.27 34.26
N ILE A 490 22.40 11.22 33.76
CA ILE A 490 21.90 12.36 33.01
C ILE A 490 22.41 12.27 31.58
N CYS A 491 21.52 12.51 30.62
CA CYS A 491 21.83 12.57 29.19
C CYS A 491 21.30 13.88 28.63
N THR A 492 21.80 14.27 27.47
CA THR A 492 21.12 15.31 26.69
C THR A 492 19.68 14.88 26.40
N GLU A 493 18.85 15.87 26.06
CA GLU A 493 17.44 15.60 25.82
C GLU A 493 17.24 14.59 24.69
N VAL A 494 17.96 14.79 23.58
CA VAL A 494 17.87 13.83 22.48
C VAL A 494 18.28 12.44 22.96
N ASP A 495 19.38 12.35 23.71
CA ASP A 495 19.84 11.04 24.17
C ASP A 495 18.84 10.40 25.12
N CYS A 496 18.13 11.20 25.93
CA CYS A 496 17.13 10.62 26.84
C CYS A 496 16.06 9.86 26.08
N LYS A 497 15.55 10.43 24.98
CA LYS A 497 14.50 9.75 24.23
C LYS A 497 15.03 8.46 23.61
N VAL A 498 16.23 8.52 23.03
CA VAL A 498 16.80 7.36 22.36
C VAL A 498 17.10 6.25 23.37
N VAL A 499 17.67 6.61 24.52
CA VAL A 499 17.98 5.61 25.55
C VAL A 499 16.70 4.95 26.03
N HIS A 500 15.66 5.75 26.28
CA HIS A 500 14.40 5.19 26.74
C HIS A 500 13.83 4.20 25.73
N GLU A 501 13.94 4.49 24.44
CA GLU A 501 13.42 3.54 23.47
C GLU A 501 14.29 2.28 23.39
N PHE A 502 15.62 2.41 23.53
CA PHE A 502 16.48 1.22 23.54
C PHE A 502 16.15 0.28 24.69
N ILE A 503 16.01 0.82 25.91
CA ILE A 503 15.65 -0.04 27.03
C ILE A 503 14.30 -0.68 26.80
N GLY A 504 13.27 0.14 26.54
CA GLY A 504 11.95 -0.40 26.25
C GLY A 504 11.96 -1.37 25.09
N GLY A 505 12.76 -1.07 24.05
CA GLY A 505 12.82 -1.96 22.90
C GLY A 505 13.39 -3.32 23.23
N TYR A 506 14.53 -3.36 23.94
CA TYR A 506 15.15 -4.63 24.32
C TYR A 506 14.26 -5.41 25.28
N ILE A 507 13.54 -4.72 26.16
CA ILE A 507 12.58 -5.42 27.02
C ILE A 507 11.49 -6.05 26.19
N PHE A 508 10.96 -5.30 25.22
CA PHE A 508 9.99 -5.86 24.29
C PHE A 508 10.54 -7.10 23.58
N LEU A 509 11.75 -7.00 23.01
CA LEU A 509 12.29 -8.14 22.28
C LEU A 509 12.48 -9.37 23.15
N SER A 510 12.70 -9.19 24.46
CA SER A 510 12.93 -10.34 25.33
C SER A 510 11.66 -11.15 25.55
N THR A 511 10.48 -10.56 25.32
CA THR A 511 9.20 -11.29 25.45
C THR A 511 8.84 -12.09 24.20
N ARG A 512 9.64 -12.07 23.15
CA ARG A 512 9.35 -12.89 21.98
C ARG A 512 9.54 -14.36 22.30
N ALA A 513 8.55 -15.17 21.95
CA ALA A 513 8.50 -16.58 22.34
C ALA A 513 8.58 -17.44 21.08
N LYS A 514 9.40 -18.49 21.14
CA LYS A 514 9.55 -19.40 20.00
C LYS A 514 8.20 -19.89 19.51
N ASP A 515 7.46 -20.58 20.38
CA ASP A 515 6.10 -21.00 20.06
C ASP A 515 5.21 -19.79 19.85
N GLN A 516 5.28 -19.18 18.67
CA GLN A 516 4.44 -18.05 18.33
C GLN A 516 4.43 -17.88 16.82
N ASN A 517 3.42 -17.16 16.33
CA ASN A 517 3.36 -16.71 14.95
C ASN A 517 3.85 -15.27 14.89
N GLU A 518 3.72 -14.65 13.73
CA GLU A 518 4.11 -13.24 13.60
C GLU A 518 3.17 -12.34 14.41
N SER A 519 3.02 -12.66 15.69
CA SER A 519 2.13 -11.92 16.59
C SER A 519 2.85 -10.72 17.21
N LEU A 520 3.41 -9.86 16.35
CA LEU A 520 4.15 -8.68 16.78
C LEU A 520 3.22 -7.70 17.47
N ASP A 521 3.12 -7.80 18.80
CA ASP A 521 2.27 -6.90 19.56
C ASP A 521 2.76 -5.47 19.41
N GLU A 522 2.23 -4.78 18.40
CA GLU A 522 2.60 -3.38 18.21
C GLU A 522 2.23 -2.54 19.41
N GLU A 523 1.06 -2.81 20.01
CA GLU A 523 0.60 -2.03 21.15
C GLU A 523 1.55 -2.16 22.35
N MET A 524 2.28 -3.27 22.45
CA MET A 524 3.17 -3.46 23.59
C MET A 524 4.50 -2.74 23.37
N PHE A 525 5.01 -2.71 22.14
CA PHE A 525 6.23 -1.95 21.87
C PHE A 525 6.04 -0.46 22.12
N TYR A 526 4.89 0.08 21.70
CA TYR A 526 4.63 1.50 21.90
C TYR A 526 4.49 1.86 23.39
N LYS A 527 3.89 0.97 24.18
CA LYS A 527 3.72 1.23 25.61
C LYS A 527 5.04 1.24 26.37
N LEU A 528 6.07 0.54 25.86
CA LEU A 528 7.35 0.45 26.57
C LEU A 528 8.36 1.51 26.15
N THR A 529 8.15 2.18 25.01
CA THR A 529 9.15 3.07 24.43
C THR A 529 8.63 4.49 24.25
N SER A 530 7.55 4.87 24.91
CA SER A 530 7.02 6.22 24.80
C SER A 530 6.66 6.81 26.16
N GLY B 45 6.16 -44.23 6.75
CA GLY B 45 4.78 -43.85 7.03
C GLY B 45 4.39 -42.59 6.27
N THR B 46 5.33 -42.03 5.53
CA THR B 46 5.09 -40.81 4.77
C THR B 46 4.41 -41.12 3.44
N TRP B 47 3.60 -40.17 2.98
CA TRP B 47 3.00 -40.23 1.64
C TRP B 47 3.37 -38.99 0.83
N GLU B 48 3.29 -39.13 -0.49
CA GLU B 48 3.80 -38.12 -1.41
C GLU B 48 2.71 -37.15 -1.86
N LEU B 49 3.15 -35.93 -2.16
CA LEU B 49 2.27 -34.81 -2.49
C LEU B 49 2.82 -34.10 -3.72
N SER B 50 1.99 -33.92 -4.74
CA SER B 50 2.41 -33.29 -5.99
C SER B 50 2.02 -31.82 -5.97
N VAL B 51 3.03 -30.95 -5.90
CA VAL B 51 2.86 -29.50 -5.91
C VAL B 51 3.51 -28.93 -7.16
N HIS B 52 2.74 -28.16 -7.94
CA HIS B 52 3.23 -27.57 -9.17
C HIS B 52 3.54 -26.08 -8.92
N VAL B 53 4.75 -25.67 -9.24
CA VAL B 53 5.19 -24.29 -9.04
C VAL B 53 5.00 -23.58 -10.38
N THR B 54 3.90 -22.84 -10.52
CA THR B 54 3.64 -22.12 -11.77
C THR B 54 4.80 -21.20 -12.13
N ASP B 55 5.45 -20.62 -11.13
CA ASP B 55 6.51 -19.64 -11.37
C ASP B 55 7.67 -20.24 -12.16
N LEU B 56 7.88 -21.56 -12.08
CA LEU B 56 9.01 -22.21 -12.74
C LEU B 56 8.58 -23.37 -13.63
N ASN B 57 7.26 -23.53 -13.86
CA ASN B 57 6.67 -24.63 -14.63
C ASN B 57 7.37 -25.96 -14.33
N ARG B 58 7.74 -26.16 -13.07
CA ARG B 58 8.39 -27.37 -12.62
C ARG B 58 7.54 -28.03 -11.55
N ASP B 59 7.37 -29.34 -11.65
CA ASP B 59 6.63 -30.07 -10.63
C ASP B 59 7.57 -30.56 -9.55
N VAL B 60 7.12 -30.49 -8.31
CA VAL B 60 7.91 -30.83 -7.13
C VAL B 60 7.11 -31.80 -6.29
N THR B 61 7.74 -32.90 -5.90
CA THR B 61 7.07 -33.89 -5.07
C THR B 61 7.61 -33.79 -3.65
N LEU B 62 6.71 -33.94 -2.68
CA LEU B 62 7.03 -33.75 -1.27
C LEU B 62 6.46 -34.90 -0.45
N ARG B 63 7.29 -35.50 0.40
CA ARG B 63 6.80 -36.48 1.36
C ARG B 63 6.23 -35.77 2.58
N VAL B 64 4.98 -36.09 2.91
CA VAL B 64 4.22 -35.36 3.91
C VAL B 64 3.49 -36.37 4.78
N THR B 65 3.01 -35.93 5.94
CA THR B 65 2.37 -36.83 6.88
C THR B 65 0.86 -36.69 6.92
N GLY B 66 0.32 -35.47 6.91
CA GLY B 66 -1.10 -35.30 7.10
C GLY B 66 -1.40 -34.51 8.36
N GLU B 67 -0.62 -34.75 9.42
CA GLU B 67 -0.59 -33.84 10.55
C GLU B 67 0.21 -32.57 10.24
N VAL B 68 0.79 -32.49 9.03
CA VAL B 68 1.60 -31.34 8.63
C VAL B 68 0.73 -30.11 8.41
N HIS B 69 1.33 -28.93 8.54
CA HIS B 69 0.66 -27.66 8.30
C HIS B 69 0.77 -27.23 6.84
N ILE B 70 -0.24 -26.49 6.38
CA ILE B 70 -0.15 -25.83 5.08
C ILE B 70 1.09 -24.95 5.02
N GLY B 71 1.28 -24.11 6.05
CA GLY B 71 2.53 -23.39 6.17
C GLY B 71 3.74 -24.30 6.14
N GLY B 72 3.58 -25.55 6.58
CA GLY B 72 4.69 -26.49 6.51
C GLY B 72 5.03 -26.88 5.08
N VAL B 73 4.02 -27.21 4.28
CA VAL B 73 4.24 -27.51 2.87
C VAL B 73 4.95 -26.35 2.18
N MET B 74 4.58 -25.11 2.55
CA MET B 74 5.13 -23.96 1.85
C MET B 74 6.62 -23.81 2.12
N LEU B 75 7.03 -24.04 3.36
CA LEU B 75 8.44 -23.86 3.71
C LEU B 75 9.31 -24.95 3.09
N LYS B 76 8.78 -26.17 3.00
CA LYS B 76 9.51 -27.24 2.31
C LYS B 76 9.75 -26.89 0.85
N LEU B 77 8.76 -26.28 0.19
CA LEU B 77 8.95 -25.86 -1.20
C LEU B 77 10.05 -24.82 -1.30
N VAL B 78 10.11 -23.90 -0.34
CA VAL B 78 11.16 -22.88 -0.34
C VAL B 78 12.52 -23.50 -0.09
N GLU B 79 12.59 -24.61 0.64
CA GLU B 79 13.86 -25.28 0.84
C GLU B 79 14.33 -26.00 -0.43
N LYS B 80 13.40 -26.56 -1.20
CA LYS B 80 13.78 -27.33 -2.38
C LYS B 80 14.10 -26.44 -3.57
N LEU B 81 13.36 -25.34 -3.73
CA LEU B 81 13.61 -24.37 -4.78
C LEU B 81 14.50 -23.26 -4.25
N ASP B 82 14.73 -22.22 -5.06
CA ASP B 82 15.67 -21.15 -4.72
C ASP B 82 15.49 -20.66 -3.27
N VAL B 83 16.59 -20.68 -2.51
CA VAL B 83 16.59 -20.11 -1.16
C VAL B 83 16.80 -18.61 -1.16
N LYS B 84 17.14 -18.02 -2.30
CA LYS B 84 17.37 -16.59 -2.42
C LYS B 84 16.12 -15.85 -2.88
N LYS B 85 15.34 -16.46 -3.78
CA LYS B 85 14.18 -15.80 -4.38
C LYS B 85 13.13 -15.45 -3.32
N ASP B 86 12.35 -14.41 -3.62
CA ASP B 86 11.25 -14.00 -2.75
C ASP B 86 10.01 -14.84 -3.06
N TRP B 87 9.59 -15.65 -2.08
CA TRP B 87 8.42 -16.50 -2.21
C TRP B 87 7.23 -15.99 -1.42
N SER B 88 7.30 -14.77 -0.89
CA SER B 88 6.28 -14.32 0.04
C SER B 88 4.95 -13.98 -0.64
N ASP B 89 4.91 -13.86 -1.97
CA ASP B 89 3.64 -13.69 -2.67
C ASP B 89 2.99 -15.02 -3.02
N HIS B 90 3.72 -16.13 -2.95
CA HIS B 90 3.19 -17.42 -3.36
C HIS B 90 2.25 -18.00 -2.31
N ALA B 91 1.18 -18.65 -2.78
CA ALA B 91 0.23 -19.36 -1.94
C ALA B 91 -0.18 -20.63 -2.66
N LEU B 92 -0.88 -21.51 -1.94
CA LEU B 92 -1.25 -22.82 -2.46
C LEU B 92 -2.66 -22.77 -3.05
N TRP B 93 -2.78 -23.23 -4.31
CA TRP B 93 -4.02 -23.29 -5.03
C TRP B 93 -4.34 -24.75 -5.36
N TRP B 94 -5.61 -25.09 -5.26
CA TRP B 94 -6.10 -26.47 -5.44
C TRP B 94 -7.12 -26.44 -6.57
N GLU B 95 -6.64 -26.60 -7.81
CA GLU B 95 -7.49 -26.36 -8.97
C GLU B 95 -8.68 -27.32 -9.01
N LYS B 96 -8.50 -28.55 -8.55
CA LYS B 96 -9.62 -29.48 -8.52
C LYS B 96 -10.70 -29.00 -7.55
N LYS B 97 -10.32 -28.36 -6.45
CA LYS B 97 -11.29 -27.91 -5.46
C LYS B 97 -11.69 -26.44 -5.61
N ARG B 98 -11.13 -25.73 -6.59
CA ARG B 98 -11.47 -24.31 -6.83
C ARG B 98 -11.31 -23.46 -5.58
N THR B 99 -10.23 -23.67 -4.84
CA THR B 99 -10.07 -22.95 -3.58
C THR B 99 -8.60 -22.67 -3.30
N TRP B 100 -8.34 -21.51 -2.70
CA TRP B 100 -7.03 -21.22 -2.18
C TRP B 100 -6.84 -21.87 -0.81
N LEU B 101 -5.62 -22.33 -0.55
CA LEU B 101 -5.24 -22.83 0.78
C LEU B 101 -4.43 -21.73 1.45
N LEU B 102 -5.15 -20.74 1.96
CA LEU B 102 -4.55 -19.56 2.55
C LEU B 102 -4.53 -19.60 4.06
N LYS B 103 -4.87 -20.74 4.66
CA LYS B 103 -4.77 -20.94 6.11
C LYS B 103 -3.49 -21.71 6.40
N THR B 104 -2.46 -21.00 6.91
CA THR B 104 -1.18 -21.66 7.16
C THR B 104 -1.19 -22.47 8.44
N HIS B 105 -1.92 -22.01 9.45
CA HIS B 105 -2.02 -22.75 10.71
C HIS B 105 -2.85 -24.03 10.56
N TRP B 106 -3.58 -24.20 9.46
CA TRP B 106 -4.36 -25.41 9.26
C TRP B 106 -3.47 -26.60 8.93
N THR B 107 -4.03 -27.78 9.05
CA THR B 107 -3.37 -29.03 8.72
C THR B 107 -3.87 -29.56 7.38
N LEU B 108 -3.03 -30.39 6.75
CA LEU B 108 -3.45 -31.10 5.54
C LEU B 108 -4.68 -31.97 5.80
N ASP B 109 -4.80 -32.51 7.02
CA ASP B 109 -5.97 -33.29 7.37
C ASP B 109 -7.22 -32.41 7.43
N LYS B 110 -7.11 -31.22 8.03
CA LYS B 110 -8.25 -30.30 8.07
C LYS B 110 -8.66 -29.79 6.70
N CYS B 111 -7.89 -30.09 5.65
CA CYS B 111 -8.21 -29.66 4.29
C CYS B 111 -8.67 -30.80 3.39
N GLY B 112 -8.66 -32.04 3.87
CA GLY B 112 -9.03 -33.17 3.05
C GLY B 112 -8.05 -33.50 1.95
N ILE B 113 -6.83 -32.98 2.00
CA ILE B 113 -5.80 -33.30 1.02
C ILE B 113 -5.28 -34.70 1.32
N GLN B 114 -5.40 -35.60 0.35
CA GLN B 114 -4.78 -36.91 0.39
C GLN B 114 -3.76 -36.97 -0.74
N ALA B 115 -3.15 -38.15 -0.92
CA ALA B 115 -2.14 -38.31 -1.97
C ALA B 115 -2.69 -38.06 -3.37
N ASP B 116 -4.01 -38.04 -3.52
CA ASP B 116 -4.65 -37.73 -4.80
C ASP B 116 -4.87 -36.24 -5.00
N ALA B 117 -4.20 -35.39 -4.22
CA ALA B 117 -4.39 -33.94 -4.26
C ALA B 117 -3.20 -33.28 -4.95
N LYS B 118 -3.43 -32.80 -6.17
CA LYS B 118 -2.42 -32.05 -6.90
C LYS B 118 -2.63 -30.56 -6.61
N LEU B 119 -1.67 -29.95 -5.93
CA LEU B 119 -1.76 -28.54 -5.59
C LEU B 119 -0.89 -27.72 -6.52
N GLN B 120 -1.06 -26.40 -6.43
CA GLN B 120 -0.22 -25.47 -7.15
C GLN B 120 0.36 -24.46 -6.18
N PHE B 121 1.58 -24.01 -6.49
CA PHE B 121 2.27 -23.00 -5.71
C PHE B 121 2.51 -21.84 -6.66
N THR B 122 1.84 -20.72 -6.41
CA THR B 122 1.65 -19.74 -7.46
C THR B 122 1.56 -18.34 -6.86
N PRO B 123 2.01 -17.33 -7.58
CA PRO B 123 1.90 -15.96 -7.07
C PRO B 123 0.43 -15.56 -6.96
N GLN B 124 0.10 -14.96 -5.83
CA GLN B 124 -1.22 -14.37 -5.63
C GLN B 124 -1.47 -13.24 -6.61
N HIS B 125 -0.58 -12.24 -6.63
CA HIS B 125 -0.68 -11.12 -7.56
C HIS B 125 -0.27 -11.55 -8.95
N LYS B 126 -1.14 -11.30 -9.93
CA LYS B 126 -0.93 -11.63 -11.32
C LYS B 126 -1.33 -10.46 -12.20
N LEU B 127 -0.95 -10.56 -13.47
CA LEU B 127 -1.29 -9.54 -14.45
C LEU B 127 -2.70 -9.78 -14.98
N LEU B 128 -3.51 -8.72 -14.98
CA LEU B 128 -4.90 -8.78 -15.43
C LEU B 128 -5.13 -7.65 -16.42
N ARG B 129 -5.59 -8.01 -17.62
CA ARG B 129 -5.95 -7.00 -18.62
C ARG B 129 -7.38 -6.53 -18.37
N LEU B 130 -7.59 -5.23 -18.57
CA LEU B 130 -8.89 -4.59 -18.39
C LEU B 130 -9.21 -3.72 -19.59
N GLN B 131 -10.43 -3.85 -20.10
CA GLN B 131 -10.99 -2.84 -21.00
C GLN B 131 -11.82 -1.88 -20.17
N LEU B 132 -11.47 -0.61 -20.23
CA LEU B 132 -12.17 0.45 -19.53
C LEU B 132 -13.45 0.82 -20.27
N PRO B 133 -14.38 1.51 -19.61
CA PRO B 133 -15.56 2.00 -20.35
C PRO B 133 -15.21 2.80 -21.60
N ASN B 134 -14.06 3.50 -21.63
CA ASN B 134 -13.65 4.24 -22.82
C ASN B 134 -13.08 3.33 -23.92
N MET B 135 -13.14 2.02 -23.71
CA MET B 135 -12.75 0.95 -24.63
C MET B 135 -11.23 0.77 -24.76
N LYS B 136 -10.43 1.49 -23.99
CA LYS B 136 -8.98 1.31 -23.98
C LYS B 136 -8.58 0.20 -23.01
N TYR B 137 -7.51 -0.51 -23.36
CA TYR B 137 -7.01 -1.60 -22.54
C TYR B 137 -5.86 -1.13 -21.66
N VAL B 138 -5.91 -1.54 -20.39
CA VAL B 138 -4.83 -1.34 -19.44
C VAL B 138 -4.53 -2.70 -18.81
N LYS B 139 -3.32 -2.83 -18.28
CA LYS B 139 -2.90 -4.00 -17.51
C LYS B 139 -2.75 -3.61 -16.05
N VAL B 140 -3.02 -4.56 -15.16
CA VAL B 140 -2.96 -4.24 -13.74
C VAL B 140 -2.47 -5.47 -12.97
N LYS B 141 -1.88 -5.22 -11.81
CA LYS B 141 -1.40 -6.26 -10.90
C LYS B 141 -2.41 -6.36 -9.76
N VAL B 142 -3.15 -7.45 -9.71
CA VAL B 142 -4.19 -7.60 -8.71
C VAL B 142 -4.00 -8.93 -8.01
N ASN B 143 -4.37 -8.97 -6.74
CA ASN B 143 -4.41 -10.20 -5.95
C ASN B 143 -5.53 -11.11 -6.45
N PHE B 144 -5.18 -12.13 -7.23
CA PHE B 144 -6.13 -13.16 -7.64
C PHE B 144 -6.65 -14.02 -6.51
N SER B 145 -6.44 -13.69 -5.24
CA SER B 145 -7.02 -14.43 -4.12
C SER B 145 -7.93 -13.57 -3.27
N ASP B 146 -7.93 -12.26 -3.46
CA ASP B 146 -8.93 -11.43 -2.79
C ASP B 146 -10.29 -11.65 -3.43
N ARG B 147 -11.33 -11.56 -2.61
CA ARG B 147 -12.68 -11.47 -3.12
C ARG B 147 -12.79 -10.28 -4.08
N VAL B 148 -13.49 -10.50 -5.21
CA VAL B 148 -13.50 -9.55 -6.32
C VAL B 148 -13.98 -8.15 -5.88
N PHE B 149 -14.83 -8.09 -4.85
CA PHE B 149 -15.22 -6.79 -4.30
C PHE B 149 -14.00 -6.00 -3.83
N LYS B 150 -13.01 -6.69 -3.24
CA LYS B 150 -11.79 -6.04 -2.79
C LYS B 150 -10.84 -5.75 -3.94
N ALA B 151 -10.69 -6.70 -4.87
CA ALA B 151 -9.94 -6.42 -6.09
C ALA B 151 -10.46 -5.17 -6.82
N VAL B 152 -11.79 -5.06 -6.98
CA VAL B 152 -12.34 -3.91 -7.70
C VAL B 152 -12.04 -2.62 -6.95
N SER B 153 -12.19 -2.64 -5.63
CA SER B 153 -11.89 -1.47 -4.82
C SER B 153 -10.43 -1.02 -5.00
N ASP B 154 -9.50 -1.97 -5.03
CA ASP B 154 -8.08 -1.62 -5.19
C ASP B 154 -7.78 -1.11 -6.59
N ILE B 155 -8.43 -1.68 -7.61
CA ILE B 155 -8.24 -1.16 -8.97
C ILE B 155 -8.76 0.28 -9.05
N CYS B 156 -9.94 0.54 -8.46
CA CYS B 156 -10.49 1.90 -8.51
C CYS B 156 -9.63 2.90 -7.73
N LYS B 157 -8.97 2.47 -6.65
CA LYS B 157 -8.04 3.37 -5.98
C LYS B 157 -6.86 3.72 -6.89
N THR B 158 -6.29 2.69 -7.52
CA THR B 158 -5.23 2.91 -8.51
C THR B 158 -5.66 3.88 -9.59
N PHE B 159 -6.88 3.74 -10.10
CA PHE B 159 -7.36 4.58 -11.19
C PHE B 159 -7.92 5.91 -10.71
N ASN B 160 -8.00 6.12 -9.39
CA ASN B 160 -8.54 7.34 -8.81
C ASN B 160 -10.04 7.48 -9.12
N ILE B 161 -10.78 6.37 -9.00
CA ILE B 161 -12.24 6.34 -9.19
C ILE B 161 -12.89 6.11 -7.83
N ARG B 162 -13.64 7.10 -7.34
CA ARG B 162 -14.31 6.94 -6.05
C ARG B 162 -15.52 6.01 -6.16
N HIS B 163 -16.02 5.58 -5.00
CA HIS B 163 -17.19 4.71 -4.91
C HIS B 163 -17.10 3.46 -5.77
N PRO B 164 -16.11 2.61 -5.52
CA PRO B 164 -15.95 1.41 -6.35
C PRO B 164 -17.10 0.43 -6.25
N GLU B 165 -17.92 0.52 -5.19
CA GLU B 165 -19.04 -0.41 -5.06
C GLU B 165 -20.05 -0.28 -6.21
N GLU B 166 -19.99 0.79 -7.00
CA GLU B 166 -20.85 0.93 -8.17
C GLU B 166 -20.29 0.23 -9.39
N LEU B 167 -19.02 -0.18 -9.37
CA LEU B 167 -18.37 -0.84 -10.50
C LEU B 167 -18.15 -2.31 -10.20
N SER B 168 -17.96 -3.08 -11.26
CA SER B 168 -17.51 -4.47 -11.07
C SER B 168 -16.91 -4.98 -12.36
N LEU B 169 -16.63 -6.27 -12.40
CA LEU B 169 -15.96 -6.90 -13.52
C LEU B 169 -16.94 -7.79 -14.27
N LEU B 170 -16.85 -7.76 -15.59
CA LEU B 170 -17.77 -8.49 -16.44
C LEU B 170 -16.96 -9.23 -17.49
N LYS B 171 -17.18 -10.53 -17.61
CA LYS B 171 -16.52 -11.32 -18.66
C LYS B 171 -17.14 -11.00 -20.00
N LYS B 172 -16.31 -10.92 -21.03
CA LYS B 172 -16.79 -10.78 -22.40
C LYS B 172 -16.89 -12.17 -23.04
N PRO B 173 -18.08 -12.60 -23.51
CA PRO B 173 -18.31 -13.97 -23.97
C PRO B 173 -17.32 -14.47 -25.01
N PRO B 229 -1.83 -1.75 -24.27
CA PRO B 229 -2.18 -2.06 -22.89
C PRO B 229 -1.10 -1.61 -21.89
N LEU B 230 -1.10 -0.32 -21.53
CA LEU B 230 -0.17 0.17 -20.51
C LEU B 230 -0.46 -0.51 -19.18
N SER B 231 0.57 -0.55 -18.31
CA SER B 231 0.48 -1.30 -17.05
C SER B 231 0.50 -0.39 -15.82
N PRO B 232 -0.59 0.32 -15.52
CA PRO B 232 -0.59 1.19 -14.33
C PRO B 232 -0.44 0.39 -13.03
N THR B 233 0.47 0.84 -12.18
CA THR B 233 0.58 0.38 -10.81
C THR B 233 0.34 1.57 -9.89
N SER B 234 -0.15 1.29 -8.68
CA SER B 234 -0.51 2.35 -7.75
C SER B 234 0.72 3.16 -7.35
N ALA B 235 0.60 4.48 -7.37
CA ALA B 235 1.72 5.39 -7.07
C ALA B 235 2.26 5.20 -5.66
N GLY B 248 -3.38 9.02 -17.26
CA GLY B 248 -3.48 9.66 -18.55
C GLY B 248 -4.46 8.93 -19.46
N ILE B 249 -4.38 7.60 -19.43
CA ILE B 249 -5.28 6.79 -20.26
C ILE B 249 -6.71 6.78 -19.70
N LEU B 250 -6.88 7.09 -18.41
CA LEU B 250 -8.19 7.14 -17.75
C LEU B 250 -8.96 8.44 -18.03
N ALA B 251 -8.28 9.50 -18.48
CA ALA B 251 -8.94 10.73 -18.90
C ALA B 251 -9.11 10.80 -20.42
N VAL B 252 -8.67 9.74 -21.12
CA VAL B 252 -8.84 9.65 -22.58
C VAL B 252 -10.32 9.59 -22.93
N SER B 253 -10.70 10.37 -23.94
CA SER B 253 -12.06 10.45 -24.42
C SER B 253 -11.98 10.84 -25.91
N GLN B 254 -11.55 9.90 -26.74
CA GLN B 254 -11.34 10.04 -28.17
C GLN B 254 -12.54 9.52 -28.96
N PRO B 255 -12.92 10.20 -30.04
CA PRO B 255 -13.98 9.68 -30.91
C PRO B 255 -13.49 8.44 -31.66
N VAL B 256 -14.45 7.80 -32.36
CA VAL B 256 -14.14 6.56 -33.05
C VAL B 256 -13.05 6.77 -34.10
N THR B 257 -12.20 5.76 -34.28
CA THR B 257 -11.08 5.86 -35.21
C THR B 257 -11.58 6.06 -36.63
N SER B 258 -12.35 5.12 -37.15
CA SER B 258 -12.93 5.17 -38.48
C SER B 258 -14.34 4.60 -38.41
N PRO B 259 -15.18 4.91 -39.40
CA PRO B 259 -16.44 4.17 -39.55
C PRO B 259 -16.25 2.67 -39.73
N GLU B 260 -15.02 2.22 -40.02
CA GLU B 260 -14.69 0.80 -40.02
C GLU B 260 -14.38 0.27 -38.62
N ILE B 261 -14.16 1.14 -37.65
CA ILE B 261 -13.98 0.72 -36.26
C ILE B 261 -15.30 0.72 -35.49
N LEU B 262 -16.20 1.66 -35.78
CA LEU B 262 -17.52 1.67 -35.16
C LEU B 262 -18.44 0.58 -35.71
N ALA B 263 -18.20 0.11 -36.94
CA ALA B 263 -19.06 -0.88 -37.57
C ALA B 263 -18.58 -2.32 -37.34
N LYS B 264 -17.27 -2.53 -37.19
CA LYS B 264 -16.77 -3.84 -36.79
C LYS B 264 -17.01 -4.11 -35.32
N MET B 265 -17.31 -3.08 -34.53
CA MET B 265 -17.70 -3.23 -33.14
C MET B 265 -19.20 -3.46 -32.97
N PHE B 266 -20.00 -3.04 -33.94
CA PHE B 266 -21.46 -3.06 -33.81
C PHE B 266 -21.97 -4.50 -33.91
N LYS B 267 -22.70 -4.95 -32.90
CA LYS B 267 -23.35 -6.25 -32.90
C LYS B 267 -24.86 -6.07 -33.02
N PRO B 268 -25.46 -6.24 -34.23
CA PRO B 268 -26.92 -6.13 -34.34
C PRO B 268 -27.65 -7.27 -33.66
N GLN B 269 -27.62 -7.27 -32.33
CA GLN B 269 -28.13 -8.39 -31.52
C GLN B 269 -29.48 -8.03 -30.90
N ALA B 270 -30.37 -9.02 -30.81
CA ALA B 270 -31.69 -8.83 -30.24
C ALA B 270 -31.59 -8.62 -28.73
N LEU B 271 -32.75 -8.36 -28.11
CA LEU B 271 -32.79 -8.07 -26.68
C LEU B 271 -32.38 -9.28 -25.84
N LEU B 272 -32.82 -10.48 -26.25
CA LEU B 272 -32.47 -11.68 -25.51
C LEU B 272 -30.97 -11.88 -25.42
N ASP B 273 -30.23 -11.42 -26.43
CA ASP B 273 -28.78 -11.65 -26.44
C ASP B 273 -28.08 -10.73 -25.45
N LYS B 274 -28.51 -9.47 -25.33
CA LYS B 274 -27.94 -8.61 -24.30
C LYS B 274 -28.18 -9.18 -22.91
N ALA B 275 -29.38 -9.71 -22.67
CA ALA B 275 -29.63 -10.33 -21.37
C ALA B 275 -28.66 -11.46 -21.08
N LYS B 276 -28.05 -12.06 -22.11
CA LYS B 276 -27.15 -13.18 -21.88
C LYS B 276 -25.74 -12.73 -21.50
N THR B 277 -25.33 -11.55 -21.96
CA THR B 277 -24.05 -11.00 -21.51
C THR B 277 -24.03 -10.83 -20.00
N ASN B 278 -25.19 -10.62 -19.38
CA ASN B 278 -25.24 -10.39 -17.94
C ASN B 278 -24.96 -11.64 -17.14
N GLN B 279 -24.82 -12.79 -17.79
CA GLN B 279 -24.35 -14.00 -17.12
C GLN B 279 -22.92 -13.85 -16.64
N GLY B 280 -22.15 -12.94 -17.25
CA GLY B 280 -20.73 -12.77 -17.02
C GLY B 280 -20.30 -11.87 -15.89
N TRP B 281 -21.22 -11.30 -15.11
CA TRP B 281 -20.79 -10.48 -13.98
C TRP B 281 -20.15 -11.37 -12.93
N LEU B 282 -18.95 -11.01 -12.49
CA LEU B 282 -18.24 -11.84 -11.56
C LEU B 282 -18.93 -11.85 -10.20
N ASP B 283 -18.76 -12.95 -9.49
CA ASP B 283 -19.17 -13.05 -8.10
C ASP B 283 -18.27 -12.15 -7.28
N SER B 284 -18.84 -11.14 -6.63
CA SER B 284 -18.02 -10.24 -5.83
C SER B 284 -17.56 -10.87 -4.53
N SER B 285 -18.07 -12.04 -4.18
CA SER B 285 -17.69 -12.72 -2.95
C SER B 285 -16.64 -13.81 -3.16
N ARG B 286 -16.08 -13.91 -4.35
CA ARG B 286 -15.11 -14.94 -4.68
C ARG B 286 -13.94 -14.32 -5.42
N SER B 287 -12.86 -15.07 -5.52
CA SER B 287 -11.63 -14.52 -6.09
C SER B 287 -11.63 -14.70 -7.59
N LEU B 288 -10.74 -13.97 -8.27
CA LEU B 288 -10.63 -14.13 -9.71
C LEU B 288 -10.21 -15.56 -10.07
N MET B 289 -9.35 -16.16 -9.25
CA MET B 289 -8.85 -17.51 -9.51
C MET B 289 -9.98 -18.51 -9.55
N GLU B 290 -10.95 -18.37 -8.63
CA GLU B 290 -12.09 -19.30 -8.57
C GLU B 290 -13.08 -19.10 -9.71
N GLN B 291 -12.90 -18.13 -10.59
CA GLN B 291 -13.92 -17.78 -11.58
C GLN B 291 -13.40 -17.84 -13.00
N ASP B 292 -12.42 -18.71 -13.25
CA ASP B 292 -12.00 -19.05 -14.61
C ASP B 292 -11.46 -17.83 -15.35
N VAL B 293 -10.67 -17.04 -14.64
CA VAL B 293 -9.96 -15.90 -15.22
C VAL B 293 -8.50 -16.31 -15.34
N LYS B 294 -7.99 -16.33 -16.57
CA LYS B 294 -6.59 -16.61 -16.81
C LYS B 294 -5.77 -15.33 -16.76
N GLU B 295 -4.52 -15.45 -16.35
CA GLU B 295 -3.60 -14.34 -16.52
C GLU B 295 -3.46 -14.00 -17.99
N ASN B 296 -3.25 -12.72 -18.29
CA ASN B 296 -3.23 -12.21 -19.65
C ASN B 296 -4.49 -12.61 -20.41
N GLU B 297 -5.62 -12.11 -19.91
CA GLU B 297 -6.93 -12.24 -20.55
C GLU B 297 -7.80 -11.10 -20.06
N ALA B 298 -8.66 -10.58 -20.93
CA ALA B 298 -9.28 -9.29 -20.72
C ALA B 298 -10.66 -9.43 -20.11
N LEU B 299 -10.89 -8.75 -18.99
CA LEU B 299 -12.20 -8.52 -18.41
C LEU B 299 -12.61 -7.08 -18.68
N LEU B 300 -13.92 -6.84 -18.63
CA LEU B 300 -14.45 -5.49 -18.78
C LEU B 300 -14.61 -4.85 -17.41
N LEU B 301 -14.10 -3.64 -17.24
CA LEU B 301 -14.41 -2.87 -16.05
C LEU B 301 -15.56 -1.92 -16.40
N ARG B 302 -16.64 -2.02 -15.63
CA ARG B 302 -17.89 -1.34 -15.98
C ARG B 302 -18.57 -0.79 -14.73
N PHE B 303 -19.29 0.33 -14.92
CA PHE B 303 -20.30 0.69 -13.94
C PHE B 303 -21.41 -0.35 -13.99
N LYS B 304 -21.60 -1.05 -12.88
CA LYS B 304 -22.55 -2.16 -12.77
C LYS B 304 -23.91 -1.70 -12.26
N TYR B 305 -23.89 -0.80 -11.28
CA TYR B 305 -25.07 -0.29 -10.62
C TYR B 305 -25.30 1.15 -11.04
N TYR B 306 -26.54 1.50 -11.37
CA TYR B 306 -26.84 2.79 -11.98
C TYR B 306 -27.37 3.81 -10.95
N SER B 307 -26.78 3.77 -9.76
CA SER B 307 -27.13 4.66 -8.65
C SER B 307 -25.81 5.33 -8.23
N PHE B 308 -25.58 6.56 -8.70
CA PHE B 308 -24.28 7.20 -8.57
C PHE B 308 -24.29 8.18 -7.41
N PHE B 309 -23.57 7.83 -6.34
CA PHE B 309 -23.56 8.61 -5.13
C PHE B 309 -22.55 9.75 -5.23
N ASP B 310 -23.02 10.99 -5.07
CA ASP B 310 -22.14 12.19 -4.99
C ASP B 310 -21.19 12.26 -6.19
N LEU B 311 -21.78 12.27 -7.38
CA LEU B 311 -21.00 12.40 -8.60
C LEU B 311 -20.65 13.88 -8.68
N ASN B 312 -19.43 14.23 -8.26
CA ASN B 312 -19.13 15.63 -7.97
C ASN B 312 -18.10 16.17 -8.94
N PRO B 313 -18.48 17.13 -9.81
CA PRO B 313 -17.53 17.64 -10.81
C PRO B 313 -16.32 18.31 -10.19
N LYS B 314 -16.44 18.75 -8.93
CA LYS B 314 -15.30 19.41 -8.29
C LYS B 314 -14.10 18.48 -8.10
N TYR B 315 -14.31 17.15 -8.14
CA TYR B 315 -13.18 16.24 -7.94
C TYR B 315 -13.37 14.80 -8.46
N ASP B 316 -14.41 14.55 -9.26
CA ASP B 316 -14.60 13.22 -9.83
C ASP B 316 -14.26 13.16 -11.32
N ALA B 317 -13.25 13.90 -11.75
CA ALA B 317 -12.95 14.02 -13.18
C ALA B 317 -12.83 12.67 -13.88
N ILE B 318 -12.09 11.72 -13.28
CA ILE B 318 -11.84 10.43 -13.92
C ILE B 318 -13.09 9.57 -13.89
N ARG B 319 -13.72 9.48 -12.71
CA ARG B 319 -14.94 8.71 -12.56
C ARG B 319 -16.03 9.23 -13.48
N ILE B 320 -16.15 10.56 -13.58
CA ILE B 320 -17.11 11.16 -14.50
C ILE B 320 -16.73 10.84 -15.94
N ASN B 321 -15.44 10.97 -16.29
CA ASN B 321 -15.05 10.68 -17.66
C ASN B 321 -15.41 9.25 -18.05
N GLN B 322 -15.14 8.28 -17.17
CA GLN B 322 -15.40 6.89 -17.52
C GLN B 322 -16.90 6.60 -17.58
N LEU B 323 -17.69 7.22 -16.69
CA LEU B 323 -19.14 7.05 -16.77
C LEU B 323 -19.69 7.65 -18.04
N TYR B 324 -19.22 8.85 -18.41
CA TYR B 324 -19.57 9.46 -19.70
C TYR B 324 -19.25 8.50 -20.86
N GLU B 325 -18.04 7.94 -20.86
CA GLU B 325 -17.67 7.04 -21.95
C GLU B 325 -18.58 5.82 -22.02
N GLN B 326 -18.96 5.27 -20.87
CA GLN B 326 -19.84 4.11 -20.87
C GLN B 326 -21.19 4.48 -21.48
N ALA B 327 -21.71 5.66 -21.13
CA ALA B 327 -22.97 6.11 -21.70
C ALA B 327 -22.84 6.33 -23.19
N LYS B 328 -21.76 7.00 -23.58
CA LYS B 328 -21.53 7.32 -24.99
C LYS B 328 -21.54 6.04 -25.83
N TRP B 329 -20.76 5.05 -25.41
CA TRP B 329 -20.64 3.83 -26.20
C TRP B 329 -21.94 3.05 -26.21
N ALA B 330 -22.61 2.97 -25.06
CA ALA B 330 -23.90 2.31 -25.01
C ALA B 330 -24.87 2.91 -26.02
N LEU B 331 -24.79 4.22 -26.25
CA LEU B 331 -25.68 4.87 -27.21
C LEU B 331 -25.22 4.65 -28.65
N LEU B 332 -23.92 4.77 -28.92
CA LEU B 332 -23.44 4.50 -30.28
C LEU B 332 -23.70 3.04 -30.70
N LEU B 333 -23.51 2.09 -29.79
CA LEU B 333 -23.70 0.67 -30.11
C LEU B 333 -25.14 0.20 -29.97
N GLU B 334 -26.09 1.11 -29.77
CA GLU B 334 -27.51 0.78 -29.62
C GLU B 334 -27.78 -0.19 -28.49
N GLU B 335 -26.92 -0.26 -27.48
CA GLU B 335 -27.25 -1.06 -26.30
C GLU B 335 -28.35 -0.41 -25.47
N ILE B 336 -28.64 0.86 -25.69
CA ILE B 336 -29.79 1.51 -25.11
C ILE B 336 -30.37 2.36 -26.22
N GLU B 337 -31.67 2.41 -26.31
CA GLU B 337 -32.31 3.11 -27.41
C GLU B 337 -32.85 4.45 -26.96
N CYS B 338 -32.88 5.37 -27.91
CA CYS B 338 -33.44 6.69 -27.71
C CYS B 338 -34.10 7.10 -29.02
N THR B 339 -34.90 8.17 -28.97
CA THR B 339 -35.54 8.66 -30.19
C THR B 339 -34.50 9.31 -31.11
N GLU B 340 -34.88 9.47 -32.38
CA GLU B 340 -33.99 10.12 -33.33
C GLU B 340 -33.65 11.56 -32.92
N GLU B 341 -34.61 12.27 -32.31
CA GLU B 341 -34.32 13.59 -31.77
C GLU B 341 -33.25 13.51 -30.68
N GLU B 342 -33.39 12.55 -29.77
CA GLU B 342 -32.42 12.43 -28.71
C GLU B 342 -31.05 12.02 -29.24
N MET B 343 -31.01 11.11 -30.24
CA MET B 343 -29.71 10.72 -30.79
C MET B 343 -28.97 11.92 -31.36
N MET B 344 -29.69 12.86 -31.99
CA MET B 344 -29.06 14.03 -32.59
C MET B 344 -28.53 14.98 -31.52
N MET B 345 -29.30 15.16 -30.44
CA MET B 345 -28.80 15.91 -29.29
C MET B 345 -27.55 15.25 -28.69
N PHE B 346 -27.58 13.93 -28.48
CA PHE B 346 -26.38 13.26 -27.95
C PHE B 346 -25.19 13.43 -28.90
N ALA B 347 -25.42 13.32 -30.22
CA ALA B 347 -24.32 13.50 -31.16
C ALA B 347 -23.74 14.91 -31.09
N ALA B 348 -24.61 15.91 -30.99
CA ALA B 348 -24.13 17.28 -30.92
C ALA B 348 -23.41 17.51 -29.60
N LEU B 349 -23.89 16.90 -28.52
CA LEU B 349 -23.21 17.04 -27.25
C LEU B 349 -21.85 16.37 -27.27
N GLN B 350 -21.75 15.18 -27.87
CA GLN B 350 -20.43 14.54 -27.99
C GLN B 350 -19.51 15.39 -28.85
N TYR B 351 -20.04 15.95 -29.94
CA TYR B 351 -19.25 16.84 -30.80
C TYR B 351 -18.75 18.04 -30.01
N HIS B 352 -19.60 18.57 -29.15
CA HIS B 352 -19.24 19.70 -28.30
C HIS B 352 -18.17 19.32 -27.30
N ILE B 353 -18.32 18.16 -26.66
CA ILE B 353 -17.31 17.71 -25.72
C ILE B 353 -15.95 17.59 -26.41
N ASN B 354 -15.93 17.10 -27.66
CA ASN B 354 -14.65 16.96 -28.34
C ASN B 354 -14.05 18.33 -28.68
N LYS B 355 -14.90 19.33 -28.95
CA LYS B 355 -14.39 20.69 -29.13
C LYS B 355 -13.83 21.26 -27.84
N LEU B 356 -14.59 21.16 -26.74
CA LEU B 356 -14.08 21.61 -25.44
C LEU B 356 -12.77 20.92 -25.09
N SER B 357 -12.65 19.65 -25.44
CA SER B 357 -11.42 18.92 -25.13
C SER B 357 -10.23 19.54 -25.86
N ILE B 358 -10.39 19.86 -27.15
CA ILE B 358 -9.35 20.55 -27.89
C ILE B 358 -9.00 21.89 -27.25
N MET B 359 -10.02 22.62 -26.77
CA MET B 359 -9.75 23.93 -26.18
C MET B 359 -8.88 23.83 -24.94
N THR B 360 -8.84 22.68 -24.27
CA THR B 360 -7.98 22.59 -23.10
C THR B 360 -6.49 22.51 -23.47
N SER B 361 -6.15 22.39 -24.76
CA SER B 361 -4.76 22.34 -25.16
C SER B 361 -4.38 23.59 -25.94
N GLU B 362 -4.78 24.75 -25.43
CA GLU B 362 -4.53 26.03 -26.08
C GLU B 362 -3.17 26.56 -25.64
N ASN B 363 -2.18 26.43 -26.52
CA ASN B 363 -0.79 26.75 -26.22
C ASN B 363 -0.49 28.22 -26.46
N HIS B 364 0.71 28.64 -26.05
CA HIS B 364 1.07 30.06 -26.07
C HIS B 364 1.38 30.58 -27.46
N LEU B 365 1.38 29.73 -28.47
CA LEU B 365 1.57 30.16 -29.85
C LEU B 365 0.28 30.14 -30.66
N THR B 366 -0.73 29.37 -30.24
CA THR B 366 -2.06 29.40 -30.84
C THR B 366 -3.00 30.36 -30.12
N THR B 367 -2.54 31.01 -29.05
CA THR B 367 -3.43 31.74 -28.16
C THR B 367 -3.73 33.13 -28.69
N ASP B 368 -4.95 33.60 -28.41
CA ASP B 368 -5.39 34.94 -28.78
C ASP B 368 -5.75 35.76 -27.54
N VAL B 369 -5.17 35.42 -26.39
CA VAL B 369 -5.42 36.15 -25.14
C VAL B 369 -4.90 37.58 -25.29
N ASN B 370 -5.80 38.54 -25.17
CA ASN B 370 -5.40 39.93 -25.21
C ASN B 370 -5.59 40.50 -23.81
N PRO B 371 -4.52 40.62 -23.02
CA PRO B 371 -4.67 41.10 -21.63
C PRO B 371 -5.26 42.49 -21.55
N GLU B 372 -4.94 43.35 -22.50
CA GLU B 372 -5.48 44.70 -22.49
C GLU B 372 -7.01 44.72 -22.53
N CYS B 373 -7.64 43.64 -22.98
CA CYS B 373 -9.09 43.57 -23.02
C CYS B 373 -9.68 42.81 -21.85
N LEU B 374 -8.86 42.17 -21.01
CA LEU B 374 -9.36 41.24 -20.04
C LEU B 374 -9.09 41.61 -18.59
N VAL B 375 -8.21 42.58 -18.35
CA VAL B 375 -7.81 42.90 -16.98
C VAL B 375 -7.91 44.40 -16.82
N SER B 376 -7.92 44.84 -15.56
CA SER B 376 -8.02 46.26 -15.30
C SER B 376 -6.71 46.96 -15.65
N PRO B 377 -6.75 48.25 -15.95
CA PRO B 377 -5.54 48.95 -16.42
C PRO B 377 -4.34 48.90 -15.49
N ARG B 378 -4.55 48.82 -14.17
CA ARG B 378 -3.38 48.78 -13.32
C ARG B 378 -2.50 47.55 -13.57
N TYR B 379 -3.05 46.49 -14.17
CA TYR B 379 -2.22 45.32 -14.46
C TYR B 379 -1.28 45.56 -15.64
N LEU B 380 -1.79 46.23 -16.68
CA LEU B 380 -0.92 46.61 -17.80
C LEU B 380 0.20 47.54 -17.32
N LYS B 381 -0.10 48.46 -16.41
CA LYS B 381 0.91 49.42 -15.95
C LYS B 381 1.95 48.77 -15.05
N LYS B 382 1.71 47.54 -14.59
CA LYS B 382 2.62 46.89 -13.66
C LYS B 382 3.33 45.67 -14.24
N TYR B 383 2.69 44.91 -15.13
CA TYR B 383 3.25 43.67 -15.65
C TYR B 383 3.46 43.77 -17.16
N LYS B 384 4.52 43.13 -17.65
CA LYS B 384 4.61 42.93 -19.09
C LYS B 384 3.40 42.15 -19.57
N SER B 385 2.96 42.46 -20.80
CA SER B 385 1.84 41.75 -21.40
C SER B 385 2.07 40.23 -21.37
N LYS B 386 3.30 39.80 -21.63
CA LYS B 386 3.54 38.36 -21.69
C LYS B 386 3.38 37.71 -20.32
N GLN B 387 3.67 38.46 -19.24
CA GLN B 387 3.48 37.91 -17.90
C GLN B 387 1.99 37.72 -17.59
N ILE B 388 1.16 38.64 -18.09
CA ILE B 388 -0.27 38.57 -17.81
C ILE B 388 -0.91 37.42 -18.57
N THR B 389 -0.58 37.30 -19.87
CA THR B 389 -1.14 36.23 -20.68
C THR B 389 -0.79 34.86 -20.12
N ALA B 390 0.47 34.68 -19.70
CA ALA B 390 0.87 33.41 -19.12
C ALA B 390 0.09 33.10 -17.85
N ARG B 391 -0.20 34.14 -17.05
CA ARG B 391 -1.05 33.94 -15.88
C ARG B 391 -2.48 33.56 -16.26
N ILE B 392 -3.03 34.24 -17.28
CA ILE B 392 -4.37 33.90 -17.76
C ILE B 392 -4.38 32.50 -18.38
N LEU B 393 -3.36 32.15 -19.18
CA LEU B 393 -3.37 30.83 -19.81
C LEU B 393 -3.33 29.73 -18.76
N GLU B 394 -2.58 29.94 -17.69
CA GLU B 394 -2.53 28.97 -16.60
C GLU B 394 -3.89 28.86 -15.90
N ALA B 395 -4.55 29.99 -15.63
CA ALA B 395 -5.87 29.94 -15.03
C ALA B 395 -6.89 29.32 -15.97
N HIS B 396 -6.69 29.47 -17.29
CA HIS B 396 -7.65 28.98 -18.26
C HIS B 396 -7.68 27.46 -18.31
N GLN B 397 -6.56 26.78 -18.01
CA GLN B 397 -6.54 25.32 -17.93
C GLN B 397 -7.64 24.82 -17.01
N ASN B 398 -7.65 25.26 -15.76
CA ASN B 398 -8.70 24.78 -14.86
C ASN B 398 -10.08 25.16 -15.35
N VAL B 399 -10.20 26.36 -15.95
CA VAL B 399 -11.51 26.81 -16.42
C VAL B 399 -12.00 25.92 -17.57
N ALA B 400 -11.11 25.61 -18.53
CA ALA B 400 -11.55 24.80 -19.65
C ALA B 400 -11.85 23.36 -19.22
N GLN B 401 -11.06 22.82 -18.29
CA GLN B 401 -11.32 21.48 -17.77
C GLN B 401 -12.64 21.42 -17.03
N MET B 402 -13.03 22.51 -16.36
CA MET B 402 -14.31 22.52 -15.68
CA MET B 402 -14.31 22.54 -15.68
C MET B 402 -15.47 22.54 -16.68
N SER B 403 -15.33 23.27 -17.80
CA SER B 403 -16.40 23.24 -18.80
C SER B 403 -16.53 21.85 -19.42
N LEU B 404 -15.39 21.21 -19.70
CA LEU B 404 -15.38 19.87 -20.23
C LEU B 404 -16.11 18.90 -19.30
N ILE B 405 -15.82 18.98 -18.00
CA ILE B 405 -16.46 18.09 -17.02
C ILE B 405 -17.95 18.35 -16.95
N GLU B 406 -18.36 19.63 -16.91
CA GLU B 406 -19.78 19.94 -16.83
C GLU B 406 -20.51 19.44 -18.07
N ALA B 407 -19.87 19.52 -19.24
CA ALA B 407 -20.56 19.04 -20.44
C ALA B 407 -20.74 17.52 -20.39
N LYS B 408 -19.74 16.82 -19.88
CA LYS B 408 -19.87 15.38 -19.68
C LYS B 408 -20.95 15.07 -18.66
N MET B 409 -21.09 15.90 -17.62
CA MET B 409 -22.19 15.72 -16.68
C MET B 409 -23.54 15.89 -17.36
N ARG B 410 -23.64 16.79 -18.33
CA ARG B 410 -24.93 16.98 -19.01
C ARG B 410 -25.26 15.79 -19.91
N PHE B 411 -24.25 15.23 -20.56
CA PHE B 411 -24.45 14.02 -21.34
C PHE B 411 -24.96 12.91 -20.43
N ILE B 412 -24.30 12.73 -19.28
CA ILE B 412 -24.70 11.69 -18.33
C ILE B 412 -26.13 11.93 -17.87
N GLN B 413 -26.46 13.20 -17.57
CA GLN B 413 -27.82 13.48 -17.08
C GLN B 413 -28.88 13.27 -18.16
N ALA B 414 -28.59 13.54 -19.44
CA ALA B 414 -29.55 13.21 -20.48
C ALA B 414 -29.73 11.69 -20.62
N TRP B 415 -28.62 10.95 -20.52
CA TRP B 415 -28.70 9.48 -20.59
C TRP B 415 -29.52 8.92 -19.44
N GLN B 416 -29.29 9.42 -18.23
CA GLN B 416 -30.08 9.04 -17.06
C GLN B 416 -31.56 9.32 -17.21
N SER B 417 -31.96 10.20 -18.14
CA SER B 417 -33.39 10.47 -18.28
C SER B 417 -34.07 9.64 -19.37
N LEU B 418 -33.37 8.71 -20.01
CA LEU B 418 -34.02 7.87 -21.00
C LEU B 418 -34.95 6.86 -20.32
N PRO B 419 -36.04 6.44 -21.00
CA PRO B 419 -36.95 5.46 -20.39
C PRO B 419 -36.28 4.12 -20.07
N GLU B 420 -35.30 3.67 -20.86
CA GLU B 420 -34.70 2.36 -20.57
C GLU B 420 -33.48 2.44 -19.67
N PHE B 421 -33.14 3.62 -19.16
CA PHE B 421 -31.88 3.79 -18.45
C PHE B 421 -31.82 2.94 -17.18
N GLY B 422 -30.65 2.38 -16.92
CA GLY B 422 -30.38 1.83 -15.60
C GLY B 422 -31.03 0.49 -15.32
N ILE B 423 -31.50 -0.21 -16.35
CA ILE B 423 -32.13 -1.53 -16.21
C ILE B 423 -31.15 -2.58 -16.70
N THR B 424 -30.89 -3.59 -15.87
CA THR B 424 -30.09 -4.73 -16.27
C THR B 424 -31.01 -5.95 -16.43
N HIS B 425 -30.98 -6.60 -17.60
CA HIS B 425 -31.95 -7.63 -17.97
C HIS B 425 -31.43 -9.04 -17.76
N PHE B 426 -32.31 -9.92 -17.26
CA PHE B 426 -32.00 -11.35 -17.18
C PHE B 426 -33.19 -12.16 -17.66
N ILE B 427 -32.91 -13.31 -18.26
CA ILE B 427 -33.97 -14.19 -18.76
C ILE B 427 -34.60 -14.90 -17.58
N ALA B 428 -35.92 -14.87 -17.51
CA ALA B 428 -36.63 -15.48 -16.39
C ALA B 428 -37.94 -16.11 -16.85
N ARG B 429 -38.32 -17.16 -16.16
CA ARG B 429 -39.65 -17.75 -16.26
C ARG B 429 -40.42 -17.34 -15.02
N PHE B 430 -41.44 -16.51 -15.20
CA PHE B 430 -42.27 -16.05 -14.09
C PHE B 430 -43.32 -17.08 -13.73
N GLN B 431 -43.70 -17.11 -12.45
CA GLN B 431 -44.72 -18.07 -12.02
C GLN B 431 -46.03 -17.78 -12.76
N GLY B 432 -46.64 -18.82 -13.32
CA GLY B 432 -47.82 -18.63 -14.12
C GLY B 432 -47.57 -18.16 -15.53
N GLY B 433 -46.32 -17.80 -15.86
CA GLY B 433 -45.98 -17.42 -17.21
C GLY B 433 -45.87 -18.62 -18.13
N LYS B 434 -46.00 -18.36 -19.43
CA LYS B 434 -46.03 -19.43 -20.44
C LYS B 434 -44.72 -19.56 -21.19
N ARG B 435 -43.84 -18.57 -21.13
CA ARG B 435 -42.60 -18.59 -21.87
C ARG B 435 -41.56 -17.75 -21.15
N GLU B 436 -40.35 -17.77 -21.68
CA GLU B 436 -39.26 -16.98 -21.13
C GLU B 436 -39.52 -15.50 -21.31
N GLU B 437 -39.34 -14.74 -20.24
CA GLU B 437 -39.42 -13.30 -20.32
C GLU B 437 -38.17 -12.71 -19.70
N LEU B 438 -38.18 -11.42 -19.41
CA LEU B 438 -37.04 -10.75 -18.80
C LEU B 438 -37.45 -10.24 -17.43
N ILE B 439 -36.58 -10.47 -16.45
CA ILE B 439 -36.61 -9.71 -15.22
C ILE B 439 -35.63 -8.54 -15.40
N GLY B 440 -36.14 -7.32 -15.24
CA GLY B 440 -35.32 -6.12 -15.27
C GLY B 440 -35.03 -5.66 -13.85
N ILE B 441 -33.77 -5.36 -13.60
CA ILE B 441 -33.32 -4.91 -12.27
C ILE B 441 -32.82 -3.48 -12.43
N ALA B 442 -33.42 -2.57 -11.68
CA ALA B 442 -33.01 -1.17 -11.63
C ALA B 442 -32.78 -0.79 -10.17
N TYR B 443 -32.31 0.45 -9.95
CA TYR B 443 -31.89 0.82 -8.59
C TYR B 443 -33.06 0.90 -7.63
N ASN B 444 -34.26 1.20 -8.13
CA ASN B 444 -35.43 1.34 -7.28
C ASN B 444 -36.51 0.29 -7.51
N ARG B 445 -36.39 -0.59 -8.52
CA ARG B 445 -37.54 -1.40 -8.87
C ARG B 445 -37.15 -2.68 -9.59
N LEU B 446 -38.10 -3.62 -9.64
CA LEU B 446 -38.01 -4.84 -10.43
C LEU B 446 -39.10 -4.80 -11.50
N ILE B 447 -38.74 -5.22 -12.71
CA ILE B 447 -39.66 -5.12 -13.84
C ILE B 447 -39.77 -6.48 -14.51
N ARG B 448 -41.00 -6.93 -14.72
CA ARG B 448 -41.28 -8.09 -15.55
C ARG B 448 -41.51 -7.57 -16.96
N MET B 449 -40.74 -8.07 -17.93
CA MET B 449 -40.70 -7.45 -19.25
C MET B 449 -40.86 -8.50 -20.34
N ASP B 450 -41.49 -8.10 -21.44
CA ASP B 450 -41.59 -8.96 -22.60
C ASP B 450 -40.22 -9.10 -23.27
N ALA B 451 -39.80 -10.33 -23.51
CA ALA B 451 -38.47 -10.58 -24.05
C ALA B 451 -38.36 -10.23 -25.53
N SER B 452 -39.48 -10.02 -26.21
CA SER B 452 -39.44 -9.69 -27.62
C SER B 452 -39.45 -8.18 -27.82
N THR B 453 -40.40 -7.49 -27.20
CA THR B 453 -40.55 -6.05 -27.38
C THR B 453 -39.73 -5.21 -26.41
N GLY B 454 -39.43 -5.74 -25.22
CA GLY B 454 -38.86 -4.92 -24.18
C GLY B 454 -39.88 -4.16 -23.34
N ASP B 455 -41.16 -4.24 -23.68
CA ASP B 455 -42.21 -3.58 -22.91
C ASP B 455 -42.22 -4.04 -21.45
N ALA B 456 -42.38 -3.07 -20.56
CA ALA B 456 -42.63 -3.36 -19.15
C ALA B 456 -44.04 -3.91 -18.98
N ILE B 457 -44.15 -5.10 -18.43
CA ILE B 457 -45.45 -5.70 -18.12
C ILE B 457 -45.91 -5.29 -16.72
N LYS B 458 -45.05 -5.42 -15.72
CA LYS B 458 -45.40 -5.03 -14.37
C LYS B 458 -44.14 -4.60 -13.63
N THR B 459 -44.27 -3.56 -12.80
CA THR B 459 -43.18 -3.02 -12.01
C THR B 459 -43.48 -3.16 -10.53
N TRP B 460 -42.50 -3.62 -9.77
CA TRP B 460 -42.55 -3.62 -8.31
C TRP B 460 -41.48 -2.68 -7.76
N ARG B 461 -41.85 -1.86 -6.78
CA ARG B 461 -40.92 -0.89 -6.17
C ARG B 461 -40.15 -1.52 -5.03
N PHE B 462 -38.83 -1.26 -4.99
CA PHE B 462 -37.98 -1.75 -3.90
C PHE B 462 -38.43 -1.22 -2.54
N SER B 463 -39.05 -0.04 -2.52
CA SER B 463 -39.53 0.52 -1.27
C SER B 463 -40.49 -0.45 -0.57
N ASN B 464 -41.36 -1.12 -1.33
CA ASN B 464 -42.35 -2.01 -0.72
C ASN B 464 -41.74 -3.29 -0.18
N MET B 465 -40.59 -3.71 -0.73
CA MET B 465 -40.07 -5.05 -0.50
C MET B 465 -39.86 -5.38 0.98
N LYS B 466 -40.74 -6.19 1.55
CA LYS B 466 -40.58 -6.63 2.93
C LYS B 466 -39.33 -7.49 3.11
N GLN B 467 -39.29 -8.64 2.44
CA GLN B 467 -38.09 -9.49 2.45
C GLN B 467 -38.04 -10.25 1.12
N TRP B 468 -37.05 -11.12 1.00
CA TRP B 468 -36.89 -11.89 -0.24
C TRP B 468 -35.91 -13.03 -0.02
N ASN B 469 -36.13 -14.13 -0.74
CA ASN B 469 -35.35 -15.34 -0.61
C ASN B 469 -35.12 -15.99 -1.98
N VAL B 470 -34.16 -16.90 -2.02
CA VAL B 470 -33.81 -17.66 -3.22
C VAL B 470 -33.87 -19.15 -2.88
N ASN B 471 -34.69 -19.90 -3.61
CA ASN B 471 -34.70 -21.36 -3.52
C ASN B 471 -33.63 -21.88 -4.48
N TRP B 472 -32.49 -22.30 -3.94
CA TRP B 472 -31.37 -22.70 -4.78
C TRP B 472 -31.56 -24.06 -5.41
N GLU B 473 -32.46 -24.88 -4.87
CA GLU B 473 -32.72 -26.18 -5.47
C GLU B 473 -33.32 -26.03 -6.86
N ILE B 474 -34.41 -25.28 -6.96
CA ILE B 474 -35.13 -25.08 -8.22
C ILE B 474 -34.79 -23.74 -8.88
N LYS B 475 -33.82 -22.99 -8.34
CA LYS B 475 -33.37 -21.72 -8.91
C LYS B 475 -34.51 -20.72 -9.02
N MET B 476 -35.24 -20.54 -7.93
CA MET B 476 -36.39 -19.65 -7.90
C MET B 476 -36.12 -18.50 -6.96
N VAL B 477 -36.22 -17.28 -7.48
CA VAL B 477 -36.17 -16.06 -6.71
C VAL B 477 -37.58 -15.65 -6.32
N THR B 478 -37.77 -15.26 -5.07
CA THR B 478 -39.07 -14.86 -4.56
C THR B 478 -38.91 -13.56 -3.79
N VAL B 479 -39.78 -12.61 -4.07
CA VAL B 479 -39.72 -11.30 -3.44
C VAL B 479 -41.10 -11.01 -2.86
N GLU B 480 -41.15 -10.79 -1.54
CA GLU B 480 -42.39 -10.50 -0.86
C GLU B 480 -42.52 -8.99 -0.67
N PHE B 481 -43.74 -8.49 -0.82
CA PHE B 481 -44.01 -7.06 -0.71
C PHE B 481 -45.04 -6.80 0.38
N ALA B 482 -45.27 -5.52 0.65
CA ALA B 482 -46.30 -5.14 1.60
C ALA B 482 -47.66 -4.90 0.93
N ASP B 483 -47.65 -4.42 -0.32
CA ASP B 483 -48.88 -4.15 -1.05
C ASP B 483 -49.19 -5.24 -2.08
N GLU B 484 -48.27 -5.48 -3.01
CA GLU B 484 -48.49 -6.44 -4.09
C GLU B 484 -48.27 -7.88 -3.60
N VAL B 485 -48.76 -8.84 -4.39
CA VAL B 485 -48.56 -10.25 -4.09
C VAL B 485 -47.14 -10.66 -4.48
N ARG B 486 -46.67 -11.75 -3.86
CA ARG B 486 -45.35 -12.31 -4.10
C ARG B 486 -45.01 -12.31 -5.59
N LEU B 487 -43.76 -12.00 -5.89
CA LEU B 487 -43.18 -12.16 -7.21
C LEU B 487 -42.19 -13.32 -7.15
N SER B 488 -42.37 -14.32 -8.01
CA SER B 488 -41.46 -15.46 -8.10
C SER B 488 -41.10 -15.71 -9.56
N PHE B 489 -39.85 -16.10 -9.80
CA PHE B 489 -39.40 -16.38 -11.16
C PHE B 489 -38.22 -17.32 -11.08
N ILE B 490 -38.06 -18.15 -12.12
CA ILE B 490 -36.95 -19.09 -12.20
C ILE B 490 -35.95 -18.58 -13.24
N CYS B 491 -34.68 -18.69 -12.93
CA CYS B 491 -33.56 -18.35 -13.82
C CYS B 491 -32.67 -19.58 -13.97
N THR B 492 -31.70 -19.48 -14.86
CA THR B 492 -30.63 -20.47 -14.89
C THR B 492 -29.83 -20.39 -13.59
N GLU B 493 -28.94 -21.37 -13.40
CA GLU B 493 -28.17 -21.43 -12.17
C GLU B 493 -27.16 -20.30 -12.08
N VAL B 494 -26.48 -19.99 -13.17
CA VAL B 494 -25.56 -18.85 -13.17
C VAL B 494 -26.35 -17.56 -13.00
N ASP B 495 -27.42 -17.37 -13.79
CA ASP B 495 -28.19 -16.13 -13.70
C ASP B 495 -28.83 -15.97 -12.32
N CYS B 496 -29.10 -17.09 -11.65
CA CYS B 496 -29.63 -17.03 -10.29
C CYS B 496 -28.64 -16.39 -9.31
N LYS B 497 -27.35 -16.72 -9.44
CA LYS B 497 -26.37 -16.11 -8.54
C LYS B 497 -26.15 -14.63 -8.90
N VAL B 498 -26.15 -14.30 -10.19
CA VAL B 498 -25.92 -12.92 -10.57
C VAL B 498 -27.09 -12.04 -10.15
N VAL B 499 -28.33 -12.49 -10.37
CA VAL B 499 -29.50 -11.71 -9.97
C VAL B 499 -29.51 -11.50 -8.46
N HIS B 500 -29.13 -12.53 -7.70
CA HIS B 500 -29.09 -12.40 -6.25
C HIS B 500 -28.15 -11.29 -5.83
N GLU B 501 -26.95 -11.25 -6.42
CA GLU B 501 -26.02 -10.19 -6.09
C GLU B 501 -26.55 -8.81 -6.51
N PHE B 502 -27.21 -8.72 -7.68
CA PHE B 502 -27.72 -7.42 -8.11
C PHE B 502 -28.73 -6.87 -7.11
N ILE B 503 -29.65 -7.72 -6.63
CA ILE B 503 -30.65 -7.24 -5.68
C ILE B 503 -29.99 -6.83 -4.37
N GLY B 504 -29.15 -7.70 -3.81
CA GLY B 504 -28.42 -7.34 -2.59
C GLY B 504 -27.53 -6.12 -2.78
N GLY B 505 -26.84 -6.04 -3.92
CA GLY B 505 -26.00 -4.88 -4.18
C GLY B 505 -26.78 -3.57 -4.19
N TYR B 506 -27.93 -3.55 -4.86
CA TYR B 506 -28.70 -2.30 -4.94
C TYR B 506 -29.25 -1.90 -3.58
N ILE B 507 -29.66 -2.87 -2.77
CA ILE B 507 -30.11 -2.57 -1.42
C ILE B 507 -28.97 -1.97 -0.62
N PHE B 508 -27.80 -2.62 -0.66
CA PHE B 508 -26.60 -2.10 0.00
C PHE B 508 -26.25 -0.68 -0.45
N LEU B 509 -26.43 -0.37 -1.74
CA LEU B 509 -26.13 0.99 -2.19
C LEU B 509 -27.14 1.99 -1.65
N SER B 510 -28.41 1.58 -1.50
CA SER B 510 -29.42 2.48 -0.97
C SER B 510 -29.16 2.84 0.48
N THR B 511 -28.51 1.95 1.24
CA THR B 511 -28.19 2.23 2.64
C THR B 511 -27.09 3.26 2.79
N ARG B 512 -26.45 3.69 1.71
CA ARG B 512 -25.38 4.67 1.83
C ARG B 512 -25.95 5.97 2.35
N ALA B 513 -25.72 6.25 3.63
CA ALA B 513 -26.28 7.42 4.29
C ALA B 513 -25.98 8.66 3.47
N LYS B 514 -27.07 9.36 3.07
CA LYS B 514 -27.05 10.48 2.13
C LYS B 514 -25.89 11.44 2.35
N ASP B 515 -25.38 11.51 3.57
CA ASP B 515 -24.21 12.31 3.87
C ASP B 515 -23.66 11.92 5.25
N GLN B 516 -23.08 10.74 5.35
CA GLN B 516 -22.40 10.33 6.57
C GLN B 516 -20.91 10.15 6.37
N ASN B 517 -20.42 10.31 5.13
CA ASN B 517 -19.00 10.19 4.80
C ASN B 517 -18.36 9.00 5.52
N GLU B 518 -19.11 7.91 5.62
CA GLU B 518 -18.66 6.75 6.38
C GLU B 518 -17.75 5.87 5.52
N SER B 519 -17.00 5.01 6.20
CA SER B 519 -16.23 4.00 5.51
C SER B 519 -17.16 2.96 4.90
N LEU B 520 -16.72 2.36 3.80
CA LEU B 520 -17.54 1.36 3.12
C LEU B 520 -17.70 0.13 4.00
N ASP B 521 -18.92 -0.12 4.47
CA ASP B 521 -19.22 -1.27 5.32
C ASP B 521 -19.09 -2.53 4.48
N GLU B 522 -17.84 -2.97 4.29
CA GLU B 522 -17.55 -4.12 3.45
C GLU B 522 -18.30 -5.36 3.93
N GLU B 523 -18.30 -5.60 5.23
CA GLU B 523 -18.96 -6.81 5.73
C GLU B 523 -20.46 -6.78 5.48
N MET B 524 -21.07 -5.59 5.53
CA MET B 524 -22.50 -5.49 5.26
C MET B 524 -22.83 -5.90 3.82
N PHE B 525 -21.99 -5.48 2.87
CA PHE B 525 -22.17 -5.90 1.48
C PHE B 525 -22.18 -7.41 1.37
N TYR B 526 -21.15 -8.06 1.94
CA TYR B 526 -21.01 -9.50 1.77
C TYR B 526 -22.22 -10.26 2.33
N LYS B 527 -22.81 -9.76 3.42
CA LYS B 527 -23.99 -10.42 3.98
C LYS B 527 -25.19 -10.31 3.04
N LEU B 528 -25.36 -9.15 2.38
CA LEU B 528 -26.52 -8.95 1.53
C LEU B 528 -26.41 -9.67 0.18
N THR B 529 -25.22 -10.08 -0.25
CA THR B 529 -25.05 -10.71 -1.56
C THR B 529 -24.61 -12.16 -1.49
N SER B 530 -24.70 -12.82 -0.34
CA SER B 530 -24.26 -14.21 -0.24
C SER B 530 -25.34 -15.14 0.29
N ALA C 3 7.12 16.16 33.64
CA ALA C 3 6.60 14.90 34.17
C ALA C 3 7.66 13.80 34.07
N VAL C 4 7.26 12.56 34.36
CA VAL C 4 8.13 11.39 34.21
C VAL C 4 7.36 10.32 33.46
N THR C 5 8.12 9.43 32.80
CA THR C 5 7.56 8.28 32.11
C THR C 5 8.10 7.02 32.80
N THR C 6 7.34 6.51 33.78
CA THR C 6 7.69 5.28 34.46
C THR C 6 7.24 4.08 33.64
N VAL C 7 8.17 3.19 33.31
CA VAL C 7 7.90 1.95 32.59
C VAL C 7 8.40 0.79 33.43
N VAL C 8 7.51 -0.17 33.68
CA VAL C 8 7.83 -1.32 34.52
C VAL C 8 8.21 -2.49 33.62
N ASN C 9 9.29 -3.17 33.96
CA ASN C 9 9.69 -4.41 33.31
C ASN C 9 8.59 -5.45 33.53
N PRO C 10 7.91 -5.93 32.48
CA PRO C 10 6.82 -6.92 32.56
C PRO C 10 7.17 -8.16 33.41
OH ALY C 11 12.94 -9.16 31.66
CH ALY C 11 13.98 -9.85 31.77
CH3 ALY C 11 15.20 -9.52 30.93
NZ ALY C 11 14.08 -10.92 32.64
CE ALY C 11 13.02 -11.37 33.50
CD ALY C 11 12.73 -10.57 34.77
CG ALY C 11 11.23 -10.62 35.07
CB ALY C 11 10.54 -9.44 34.44
CA ALY C 11 8.99 -9.46 34.43
N ALY C 11 8.47 -8.39 33.61
C ALY C 11 8.51 -9.40 35.87
O ALY C 11 8.54 -10.37 36.65
N TYR C 12 8.02 -8.23 36.26
CA TYR C 12 7.69 -7.94 37.66
C TYR C 12 6.21 -7.64 37.95
N GLU C 13 5.60 -6.76 37.17
CA GLU C 13 4.18 -6.45 37.36
C GLU C 13 3.66 -5.79 36.08
N GLY C 14 2.75 -6.47 35.39
CA GLY C 14 2.17 -5.95 34.17
C GLY C 14 3.08 -6.06 32.96
#